data_4Q2Z
#
_entry.id   4Q2Z
#
_cell.length_a   48.243
_cell.length_b   67.909
_cell.length_c   69.980
_cell.angle_alpha   92.39
_cell.angle_beta   94.13
_cell.angle_gamma   109.69
#
_symmetry.space_group_name_H-M   'P 1'
#
loop_
_entity.id
_entity.type
_entity.pdbx_description
1 polymer 'Heavy chain of Fab fragment of HIV vaccine-elicited CD4bs-directed antibody'
2 polymer 'Light chain of Fab fragment of HIV vaccine-elicited CD4bs-directed antibody'
3 water water
#
loop_
_entity_poly.entity_id
_entity_poly.type
_entity_poly.pdbx_seq_one_letter_code
_entity_poly.pdbx_strand_id
1 'polypeptide(L)'
;EVQLVQSGAEVKKPGSSVKVSCKASGYTFTDYYMHWVRQAPGQGLEWMGQINPKTGGTNYAQKFQGRVTMTRDTSTSTAY
MELSSLRSEDTAIYYCARGGQRLLLLRNYYFYYWGQGVLVTVSSASTKGPSVFPLAPSSKSTSGGTAALGCLVKDYFPEP
VTVSWNSGALTSGVHTFPAVLQSSGLYSLSSVVTVPSSSLGTQTYICNVNHKPSNTKVDKRVEPKSHHHHHHP
;
H,A
2 'polypeptide(L)'
;QSVLTQPPSVSGAPGQKVTISCTGSSSNIGGYDVHWYQQLPGMAPKLLIYDNNERPSGISDRFSGSKSATSASLAITGLQ
TEDEADYYCQSYDSSLNAWVFGGGTRLTVLGQPKAAPSVTLFPPSSEELQANKATLVCLISDFYPGAVTVAWKADSSPVK
AGVETTTPSKQSNNKYAASSYLSLTPEQWKSHRSYSCQVTHEGSTVEKTVAP
;
L,B
#
# COMPACT_ATOMS: atom_id res chain seq x y z
N GLU A 1 16.06 34.69 2.55
CA GLU A 1 15.56 36.06 2.44
C GLU A 1 14.64 36.39 3.61
N VAL A 2 13.43 35.84 3.63
CA VAL A 2 12.63 35.92 4.85
C VAL A 2 13.03 34.77 5.78
N GLN A 3 13.16 35.09 7.06
CA GLN A 3 13.56 34.13 8.07
C GLN A 3 12.66 34.26 9.28
N LEU A 4 12.18 33.12 9.78
CA LEU A 4 11.45 33.06 11.03
C LEU A 4 12.30 32.35 12.07
N VAL A 5 12.80 33.10 13.04
CA VAL A 5 13.74 32.56 14.04
C VAL A 5 13.07 32.40 15.40
N GLN A 6 12.98 31.17 15.88
CA GLN A 6 12.20 30.88 17.09
C GLN A 6 13.05 30.66 18.35
N SER A 7 12.45 30.93 19.49
CA SER A 7 13.09 30.61 20.76
C SER A 7 12.08 30.22 21.82
N GLY A 8 12.57 29.54 22.86
CA GLY A 8 11.74 29.24 24.01
C GLY A 8 11.72 27.77 24.35
N ALA A 9 12.66 27.01 23.81
CA ALA A 9 12.75 25.58 24.10
C ALA A 9 12.93 25.36 25.59
N GLU A 10 12.03 24.58 26.19
CA GLU A 10 12.27 24.10 27.55
C GLU A 10 11.44 22.92 28.02
N VAL A 11 11.69 22.60 29.28
CA VAL A 11 11.05 21.52 30.00
C VAL A 11 10.20 22.16 31.08
N LYS A 12 8.91 21.90 31.06
CA LYS A 12 7.99 22.55 31.99
C LYS A 12 7.27 21.54 32.86
N LYS A 13 6.75 22.02 33.99
CA LYS A 13 5.89 21.22 34.84
C LYS A 13 4.46 21.49 34.45
N PRO A 14 3.60 20.47 34.60
CA PRO A 14 2.16 20.67 34.40
C PRO A 14 1.64 21.74 35.34
N GLY A 15 0.73 22.59 34.85
CA GLY A 15 0.23 23.70 35.63
C GLY A 15 0.91 25.03 35.32
N SER A 16 2.11 24.96 34.77
CA SER A 16 2.87 26.17 34.45
C SER A 16 2.51 26.77 33.10
N SER A 17 3.24 27.82 32.73
CA SER A 17 3.00 28.57 31.51
C SER A 17 4.30 28.68 30.71
N VAL A 18 4.19 28.67 29.39
CA VAL A 18 5.37 28.83 28.54
C VAL A 18 5.14 29.90 27.47
N LYS A 19 6.16 30.72 27.22
CA LYS A 19 6.06 31.74 26.19
C LYS A 19 7.12 31.51 25.12
N VAL A 20 6.66 31.20 23.91
CA VAL A 20 7.55 30.95 22.78
C VAL A 20 7.61 32.15 21.85
N SER A 21 8.80 32.47 21.36
CA SER A 21 8.99 33.61 20.49
C SER A 21 9.33 33.24 19.04
N CYS A 22 8.95 34.12 18.13
CA CYS A 22 9.20 33.96 16.71
C CYS A 22 9.55 35.33 16.13
N LYS A 23 10.83 35.55 15.86
CA LYS A 23 11.30 36.82 15.31
C LYS A 23 11.36 36.76 13.78
N ALA A 24 10.64 37.67 13.14
CA ALA A 24 10.57 37.70 11.68
C ALA A 24 11.54 38.71 11.07
N SER A 25 12.22 38.30 10.01
CA SER A 25 13.09 39.22 9.28
C SER A 25 12.97 38.95 7.79
N GLY A 26 13.28 39.96 6.97
CA GLY A 26 13.30 39.78 5.53
C GLY A 26 12.02 40.24 4.83
N TYR A 27 11.08 40.74 5.62
CA TYR A 27 9.86 41.33 5.08
C TYR A 27 9.29 42.27 6.13
N THR A 28 8.31 43.08 5.73
CA THR A 28 7.66 43.95 6.70
C THR A 28 6.72 43.13 7.56
N PHE A 29 7.11 42.94 8.81
CA PHE A 29 6.41 42.10 9.79
C PHE A 29 4.89 42.31 9.79
N THR A 30 4.48 43.57 9.73
CA THR A 30 3.07 43.93 9.83
C THR A 30 2.24 43.62 8.58
N ASP A 31 2.91 43.21 7.50
CA ASP A 31 2.22 42.97 6.23
C ASP A 31 1.55 41.59 6.13
N TYR A 32 1.91 40.68 7.02
CA TYR A 32 1.39 39.32 6.96
C TYR A 32 0.92 38.81 8.32
N TYR A 33 -0.20 38.08 8.33
CA TYR A 33 -0.63 37.39 9.55
C TYR A 33 0.44 36.43 10.02
N MET A 34 0.50 36.17 11.32
CA MET A 34 1.39 35.12 11.80
C MET A 34 0.58 34.00 12.44
N HIS A 35 0.91 32.76 12.12
CA HIS A 35 0.18 31.63 12.66
C HIS A 35 1.05 30.80 13.59
N TRP A 36 0.41 30.02 14.46
CA TRP A 36 1.10 29.08 15.32
C TRP A 36 0.56 27.67 15.09
N VAL A 37 1.47 26.73 14.90
CA VAL A 37 1.13 25.35 14.60
C VAL A 37 1.96 24.42 15.48
N ARG A 38 1.29 23.57 16.24
CA ARG A 38 2.02 22.65 17.10
C ARG A 38 2.05 21.22 16.56
N GLN A 39 2.97 20.42 17.08
CA GLN A 39 3.13 19.04 16.65
C GLN A 39 3.66 18.21 17.81
N ALA A 40 2.77 17.48 18.47
CA ALA A 40 3.20 16.61 19.55
C ALA A 40 4.12 15.56 18.91
N PRO A 41 5.09 15.05 19.69
CA PRO A 41 6.15 14.23 19.08
C PRO A 41 5.61 12.94 18.48
N GLY A 42 5.91 12.72 17.20
CA GLY A 42 5.43 11.55 16.51
C GLY A 42 4.02 11.75 15.99
N GLN A 43 3.42 12.89 16.30
CA GLN A 43 2.03 13.12 15.96
C GLN A 43 1.86 14.15 14.85
N GLY A 44 0.62 14.47 14.55
CA GLY A 44 0.30 15.36 13.44
C GLY A 44 0.45 16.84 13.73
N LEU A 45 0.02 17.66 12.77
CA LEU A 45 0.07 19.11 12.88
C LEU A 45 -1.25 19.66 13.40
N GLU A 46 -1.15 20.67 14.26
CA GLU A 46 -2.31 21.23 14.95
C GLU A 46 -2.26 22.75 14.95
N TRP A 47 -3.18 23.37 14.22
CA TRP A 47 -3.27 24.82 14.15
C TRP A 47 -3.75 25.38 15.49
N MET A 48 -3.03 26.36 16.01
CA MET A 48 -3.37 26.94 17.30
C MET A 48 -4.07 28.29 17.16
N GLY A 49 -3.73 29.02 16.10
CA GLY A 49 -4.33 30.31 15.87
C GLY A 49 -3.44 31.28 15.12
N GLN A 50 -3.94 32.49 14.95
CA GLN A 50 -3.23 33.50 14.20
C GLN A 50 -3.31 34.86 14.89
N ILE A 51 -2.35 35.72 14.57
CA ILE A 51 -2.32 37.09 15.05
C ILE A 51 -2.08 38.07 13.89
N ASN A 52 -2.83 39.16 13.92
CA ASN A 52 -2.63 40.33 13.07
C ASN A 52 -1.54 41.18 13.71
N PRO A 53 -0.39 41.30 13.04
CA PRO A 53 0.75 42.03 13.62
C PRO A 53 0.51 43.53 13.71
N LYS A 54 -0.23 44.09 12.77
CA LYS A 54 -0.50 45.52 12.80
C LYS A 54 -1.35 45.91 14.00
N THR A 55 -2.48 45.23 14.16
CA THR A 55 -3.47 45.57 15.20
C THR A 55 -3.24 44.85 16.53
N GLY A 56 -2.70 43.64 16.46
CA GLY A 56 -2.54 42.82 17.65
C GLY A 56 -3.73 41.91 17.84
N GLY A 57 -4.69 42.01 16.92
CA GLY A 57 -5.88 41.19 16.95
C GLY A 57 -5.56 39.72 16.76
N THR A 58 -6.33 38.87 17.41
CA THR A 58 -6.04 37.43 17.41
C THR A 58 -7.25 36.55 17.12
N ASN A 59 -6.99 35.37 16.59
CA ASN A 59 -8.01 34.34 16.47
C ASN A 59 -7.43 33.00 16.91
N TYR A 60 -8.01 32.41 17.94
CA TYR A 60 -7.47 31.17 18.49
C TYR A 60 -8.27 29.96 18.04
N ALA A 61 -7.58 28.84 17.87
CA ALA A 61 -8.25 27.58 17.62
C ALA A 61 -9.10 27.24 18.84
N GLN A 62 -10.27 26.65 18.60
CA GLN A 62 -11.21 26.23 19.63
C GLN A 62 -10.53 25.61 20.85
N LYS A 63 -9.80 24.53 20.58
CA LYS A 63 -9.13 23.73 21.60
C LYS A 63 -8.33 24.52 22.63
N PHE A 64 -7.80 25.67 22.23
CA PHE A 64 -6.88 26.42 23.08
C PHE A 64 -7.45 27.71 23.65
N GLN A 65 -8.75 27.93 23.42
CA GLN A 65 -9.39 29.20 23.75
C GLN A 65 -9.12 29.73 25.16
N GLY A 66 -9.24 28.86 26.16
CA GLY A 66 -9.09 29.30 27.52
C GLY A 66 -7.66 29.53 27.95
N ARG A 67 -6.70 29.07 27.16
CA ARG A 67 -5.33 28.93 27.67
C ARG A 67 -4.24 29.64 26.88
N VAL A 68 -4.56 30.19 25.71
CA VAL A 68 -3.51 30.76 24.85
C VAL A 68 -3.57 32.28 24.67
N THR A 69 -2.41 32.93 24.69
CA THR A 69 -2.31 34.35 24.42
C THR A 69 -1.27 34.59 23.34
N MET A 70 -1.69 35.14 22.22
CA MET A 70 -0.75 35.51 21.18
C MET A 70 -0.54 37.01 21.18
N THR A 71 0.71 37.44 21.23
CA THR A 71 1.00 38.86 21.20
C THR A 71 2.03 39.17 20.12
N ARG A 72 2.25 40.45 19.89
CA ARG A 72 3.32 40.85 18.99
C ARG A 72 4.02 42.11 19.50
N ASP A 73 5.32 42.18 19.23
CA ASP A 73 6.14 43.33 19.48
C ASP A 73 6.57 43.78 18.10
N THR A 74 5.92 44.81 17.58
CA THR A 74 6.15 45.29 16.23
C THR A 74 7.55 45.89 16.09
N SER A 75 8.06 46.45 17.18
CA SER A 75 9.36 47.10 17.16
C SER A 75 10.51 46.09 17.05
N THR A 76 10.30 44.87 17.52
CA THR A 76 11.31 43.84 17.39
C THR A 76 10.90 42.82 16.33
N SER A 77 9.76 43.09 15.70
CA SER A 77 9.18 42.18 14.71
C SER A 77 9.05 40.77 15.27
N THR A 78 8.55 40.66 16.49
CA THR A 78 8.49 39.37 17.15
C THR A 78 7.08 38.98 17.57
N ALA A 79 6.68 37.76 17.24
CA ALA A 79 5.39 37.24 17.67
C ALA A 79 5.58 36.29 18.84
N TYR A 80 4.67 36.34 19.80
CA TYR A 80 4.75 35.51 20.99
C TYR A 80 3.51 34.63 21.14
N MET A 81 3.74 33.38 21.53
CA MET A 81 2.65 32.49 21.88
C MET A 81 2.84 31.98 23.30
N GLU A 82 1.95 32.37 24.21
CA GLU A 82 1.99 31.88 25.57
C GLU A 82 0.87 30.88 25.82
N LEU A 83 1.25 29.69 26.28
CA LEU A 83 0.29 28.64 26.61
C LEU A 83 0.33 28.40 28.12
N SER A 84 -0.83 28.45 28.76
CA SER A 84 -0.92 28.25 30.21
C SER A 84 -1.61 26.96 30.62
N SER A 85 -1.57 26.70 31.93
CA SER A 85 -2.14 25.48 32.50
C SER A 85 -1.66 24.26 31.72
N LEU A 86 -0.36 24.22 31.47
CA LEU A 86 0.24 23.14 30.71
C LEU A 86 -0.02 21.77 31.34
N ARG A 87 -0.25 20.77 30.50
CA ARG A 87 -0.28 19.38 30.94
C ARG A 87 0.62 18.61 29.96
N SER A 88 0.93 17.36 30.29
CA SER A 88 1.86 16.54 29.51
C SER A 88 1.55 16.44 28.02
N GLU A 89 0.27 16.45 27.67
CA GLU A 89 -0.12 16.34 26.27
C GLU A 89 0.14 17.63 25.49
N ASP A 90 0.63 18.66 26.18
CA ASP A 90 1.06 19.88 25.51
C ASP A 90 2.52 19.77 25.10
N THR A 91 3.13 18.62 25.40
CA THR A 91 4.48 18.34 24.92
C THR A 91 4.45 18.33 23.39
N ALA A 92 5.16 19.28 22.78
CA ALA A 92 5.12 19.43 21.34
C ALA A 92 6.21 20.33 20.81
N ILE A 93 6.39 20.28 19.50
CA ILE A 93 7.18 21.27 18.79
C ILE A 93 6.23 22.40 18.42
N TYR A 94 6.57 23.62 18.80
CA TYR A 94 5.75 24.77 18.48
C TYR A 94 6.40 25.59 17.37
N TYR A 95 5.66 25.71 16.28
CA TYR A 95 6.11 26.43 15.09
C TYR A 95 5.34 27.73 14.95
N CYS A 96 6.03 28.76 14.48
CA CYS A 96 5.35 29.90 13.90
C CYS A 96 5.46 29.74 12.38
N ALA A 97 4.44 30.17 11.66
CA ALA A 97 4.46 30.11 10.21
C ALA A 97 3.74 31.33 9.66
N ARG A 98 4.35 32.00 8.67
CA ARG A 98 3.75 33.19 8.10
C ARG A 98 2.50 32.86 7.29
N GLY A 99 1.47 33.69 7.45
CA GLY A 99 0.23 33.52 6.71
C GLY A 99 0.19 34.44 5.49
N GLY A 100 -1.01 34.76 5.04
CA GLY A 100 -1.16 35.62 3.86
C GLY A 100 -0.98 37.09 4.18
N GLN A 101 -0.93 37.94 3.16
CA GLN A 101 -0.82 39.37 3.40
C GLN A 101 -2.07 39.94 4.08
N ARG A 102 -1.82 40.74 5.11
CA ARG A 102 -2.84 41.26 6.00
C ARG A 102 -3.98 42.02 5.31
N LEU A 103 -3.63 42.90 4.39
CA LEU A 103 -4.59 43.79 3.75
C LEU A 103 -5.40 43.15 2.62
N LEU A 104 -4.89 42.06 2.04
CA LEU A 104 -5.60 41.38 0.95
C LEU A 104 -6.91 40.72 1.41
N LEU A 105 -7.96 40.92 0.62
CA LEU A 105 -9.29 40.42 0.94
C LEU A 105 -9.40 38.91 0.67
N LEU A 106 -8.70 38.46 -0.37
CA LEU A 106 -8.53 37.03 -0.63
C LEU A 106 -7.05 36.71 -0.59
N ARG A 107 -6.55 36.32 0.58
CA ARG A 107 -5.13 36.03 0.75
C ARG A 107 -4.89 34.53 0.76
N ASN A 108 -3.65 34.15 0.50
CA ASN A 108 -3.26 32.76 0.47
C ASN A 108 -3.36 32.14 1.85
N TYR A 109 -3.58 30.83 1.89
CA TYR A 109 -3.74 30.14 3.15
C TYR A 109 -2.96 28.84 3.28
N TYR A 110 -1.85 28.74 2.56
CA TYR A 110 -0.88 27.70 2.79
C TYR A 110 0.20 28.36 3.64
N PHE A 111 1.12 27.54 4.14
CA PHE A 111 2.24 28.09 4.88
C PHE A 111 3.53 27.80 4.15
N TYR A 112 4.18 28.85 3.65
CA TYR A 112 5.43 28.65 2.93
C TYR A 112 6.64 28.83 3.84
N TYR A 113 6.59 29.87 4.66
CA TYR A 113 7.70 30.14 5.58
C TYR A 113 7.39 29.65 6.99
N TRP A 114 8.30 28.85 7.52
CA TRP A 114 8.15 28.30 8.86
C TRP A 114 9.31 28.67 9.75
N GLY A 115 9.05 28.80 11.04
CA GLY A 115 10.11 28.88 12.02
C GLY A 115 10.69 27.48 12.16
N GLN A 116 11.83 27.35 12.82
CA GLN A 116 12.48 26.04 12.93
C GLN A 116 11.77 25.15 13.94
N GLY A 117 10.93 25.75 14.77
CA GLY A 117 10.19 24.99 15.76
C GLY A 117 10.91 24.93 17.08
N VAL A 118 10.15 24.89 18.16
CA VAL A 118 10.69 24.91 19.51
C VAL A 118 10.06 23.82 20.35
N LEU A 119 10.88 22.91 20.87
CA LEU A 119 10.33 21.82 21.68
C LEU A 119 9.97 22.27 23.09
N VAL A 120 8.70 22.08 23.46
CA VAL A 120 8.30 22.22 24.84
C VAL A 120 7.96 20.86 25.40
N THR A 121 8.71 20.44 26.43
CA THR A 121 8.42 19.18 27.10
C THR A 121 7.73 19.42 28.43
N VAL A 122 6.53 18.88 28.57
CA VAL A 122 5.77 19.06 29.80
C VAL A 122 5.71 17.75 30.57
N SER A 123 6.30 17.74 31.76
CA SER A 123 6.31 16.54 32.59
C SER A 123 6.35 16.89 34.08
N SER A 124 5.76 16.02 34.89
CA SER A 124 5.74 16.21 36.33
C SER A 124 7.08 15.79 36.90
N ALA A 125 7.86 15.09 36.09
CA ALA A 125 9.16 14.56 36.52
C ALA A 125 10.11 15.67 36.94
N SER A 126 10.95 15.36 37.91
CA SER A 126 12.00 16.28 38.33
C SER A 126 13.35 15.76 37.83
N THR A 127 14.32 16.67 37.71
CA THR A 127 15.65 16.32 37.26
C THR A 127 16.23 15.17 38.07
N LYS A 128 16.71 14.14 37.38
CA LYS A 128 17.21 12.94 38.03
C LYS A 128 18.38 12.36 37.25
N GLY A 129 19.51 12.16 37.93
CA GLY A 129 20.66 11.54 37.33
C GLY A 129 20.43 10.05 37.19
N PRO A 130 21.06 9.43 36.19
CA PRO A 130 20.84 8.00 35.93
C PRO A 130 21.57 7.09 36.91
N SER A 131 21.07 5.87 37.06
CA SER A 131 21.83 4.79 37.68
C SER A 131 22.43 4.00 36.54
N VAL A 132 23.71 3.68 36.61
CA VAL A 132 24.36 2.97 35.50
C VAL A 132 24.76 1.55 35.89
N PHE A 133 24.37 0.59 35.07
CA PHE A 133 24.57 -0.81 35.38
C PHE A 133 25.28 -1.50 34.22
N PRO A 134 26.15 -2.46 34.54
CA PRO A 134 26.87 -3.07 33.44
C PRO A 134 26.01 -4.12 32.75
N LEU A 135 26.10 -4.21 31.44
CA LEU A 135 25.48 -5.32 30.74
C LEU A 135 26.57 -6.32 30.41
N ALA A 136 26.77 -7.29 31.30
CA ALA A 136 27.88 -8.23 31.21
C ALA A 136 27.75 -9.13 29.99
N PRO A 137 28.88 -9.36 29.29
CA PRO A 137 28.96 -10.05 28.00
C PRO A 137 28.21 -11.37 27.95
N SER A 138 27.15 -11.42 27.17
CA SER A 138 26.49 -12.68 26.88
C SER A 138 27.13 -13.27 25.63
N SER A 139 28.03 -14.21 25.85
CA SER A 139 28.83 -14.80 24.77
C SER A 139 27.97 -15.57 23.77
N LYS A 140 26.86 -16.13 24.25
CA LYS A 140 26.00 -16.92 23.39
C LYS A 140 24.78 -16.13 22.92
N SER A 141 25.03 -14.94 22.39
CA SER A 141 24.00 -14.10 21.78
C SER A 141 24.67 -13.10 20.83
N THR A 142 25.71 -13.57 20.16
CA THR A 142 26.45 -12.80 19.17
C THR A 142 27.04 -13.78 18.16
N SER A 143 26.18 -14.66 17.63
CA SER A 143 26.61 -15.75 16.73
C SER A 143 27.67 -15.32 15.73
N GLY A 144 28.72 -16.13 15.61
CA GLY A 144 29.96 -15.68 15.04
C GLY A 144 30.82 -15.36 16.23
N GLY A 145 30.91 -14.07 16.58
CA GLY A 145 31.53 -13.65 17.82
C GLY A 145 33.05 -13.78 17.86
N THR A 146 33.76 -12.77 18.38
CA THR A 146 33.26 -11.58 19.11
C THR A 146 32.36 -11.84 20.33
N ALA A 147 31.68 -10.79 20.79
CA ALA A 147 30.74 -10.80 21.92
C ALA A 147 30.31 -9.37 22.26
N ALA A 148 29.04 -9.15 22.57
CA ALA A 148 28.61 -7.79 22.94
C ALA A 148 28.46 -7.58 24.44
N LEU A 149 29.10 -6.54 24.95
CA LEU A 149 28.90 -6.09 26.32
C LEU A 149 28.36 -4.65 26.30
N GLY A 150 27.97 -4.13 27.45
CA GLY A 150 27.43 -2.78 27.49
C GLY A 150 27.10 -2.12 28.82
N CYS A 151 26.34 -1.03 28.72
CA CYS A 151 25.95 -0.25 29.89
C CYS A 151 24.48 0.17 29.83
N LEU A 152 23.76 -0.05 30.92
CA LEU A 152 22.36 0.38 31.01
C LEU A 152 22.28 1.69 31.78
N VAL A 153 21.73 2.72 31.13
CA VAL A 153 21.61 4.04 31.74
C VAL A 153 20.17 4.27 32.16
N LYS A 154 19.89 4.03 33.43
CA LYS A 154 18.52 3.85 33.90
C LYS A 154 17.94 5.03 34.67
N ASP A 155 16.68 5.35 34.38
CA ASP A 155 15.90 6.30 35.19
C ASP A 155 16.50 7.70 35.35
N TYR A 156 16.66 8.40 34.24
CA TYR A 156 17.11 9.78 34.30
C TYR A 156 16.07 10.73 33.72
N PHE A 157 16.21 12.02 34.02
CA PHE A 157 15.35 13.05 33.46
C PHE A 157 16.03 14.40 33.60
N PRO A 158 15.97 15.22 32.55
CA PRO A 158 15.38 14.93 31.24
C PRO A 158 16.42 14.41 30.27
N GLU A 159 16.02 14.25 29.01
CA GLU A 159 16.97 14.05 27.94
C GLU A 159 17.86 15.29 27.88
N PRO A 160 19.10 15.12 27.39
CA PRO A 160 19.73 13.91 26.88
C PRO A 160 20.78 13.35 27.84
N VAL A 161 21.32 12.18 27.49
CA VAL A 161 22.55 11.68 28.09
C VAL A 161 23.48 11.34 26.94
N THR A 162 24.78 11.32 27.22
CA THR A 162 25.76 10.93 26.21
C THR A 162 26.63 9.84 26.81
N VAL A 163 27.06 8.92 25.97
CA VAL A 163 27.90 7.82 26.45
C VAL A 163 29.06 7.59 25.48
N SER A 164 30.20 7.26 26.06
CA SER A 164 31.36 6.92 25.27
C SER A 164 32.00 5.73 25.95
N TRP A 165 33.07 5.22 25.37
CA TRP A 165 33.74 4.08 25.96
C TRP A 165 35.22 4.34 26.04
N ASN A 166 35.79 4.08 27.21
CA ASN A 166 37.23 4.20 27.39
C ASN A 166 37.63 5.66 27.18
N SER A 167 36.76 6.57 27.63
CA SER A 167 36.94 8.02 27.42
C SER A 167 36.93 8.45 25.94
N GLY A 168 36.31 7.63 25.09
CA GLY A 168 36.16 7.97 23.69
C GLY A 168 37.21 7.30 22.82
N ALA A 169 38.16 6.62 23.46
CA ALA A 169 39.23 5.95 22.75
C ALA A 169 38.67 4.80 21.92
N LEU A 170 37.74 4.06 22.51
CA LEU A 170 37.08 2.96 21.82
C LEU A 170 35.82 3.48 21.13
N THR A 171 35.76 3.33 19.81
CA THR A 171 34.66 3.89 19.06
C THR A 171 34.07 2.88 18.09
N SER A 172 34.86 1.90 17.70
CA SER A 172 34.42 0.87 16.77
C SER A 172 33.55 -0.18 17.46
N GLY A 173 32.52 -0.63 16.76
CA GLY A 173 31.63 -1.65 17.29
C GLY A 173 30.72 -1.10 18.38
N VAL A 174 30.63 0.22 18.44
CA VAL A 174 29.85 0.88 19.48
C VAL A 174 28.44 1.20 19.01
N HIS A 175 27.46 0.78 19.78
CA HIS A 175 26.08 1.13 19.49
C HIS A 175 25.31 1.60 20.71
N THR A 176 24.99 2.88 20.71
CA THR A 176 24.27 3.50 21.79
C THR A 176 22.83 3.73 21.34
N PHE A 177 21.89 3.11 22.03
CA PHE A 177 20.50 3.07 21.58
C PHE A 177 19.68 4.28 22.03
N PRO A 178 18.64 4.62 21.24
CA PRO A 178 17.67 5.65 21.63
C PRO A 178 16.97 5.30 22.93
N ALA A 179 16.76 6.30 23.76
CA ALA A 179 16.20 6.10 25.08
C ALA A 179 14.73 5.75 25.02
N VAL A 180 14.23 5.16 26.09
CA VAL A 180 12.80 4.85 26.19
C VAL A 180 12.24 5.66 27.37
N LEU A 181 10.98 6.07 27.26
CA LEU A 181 10.33 6.82 28.33
C LEU A 181 9.39 5.90 29.09
N GLN A 182 9.58 5.82 30.40
CA GLN A 182 8.83 4.85 31.19
C GLN A 182 7.65 5.47 31.90
N SER A 183 6.86 4.64 32.55
CA SER A 183 5.65 5.08 33.23
C SER A 183 6.00 6.00 34.39
N SER A 184 7.19 5.82 34.93
CA SER A 184 7.71 6.63 36.03
C SER A 184 7.94 8.07 35.59
N GLY A 185 7.92 8.30 34.28
CA GLY A 185 8.22 9.61 33.74
C GLY A 185 9.71 9.76 33.53
N LEU A 186 10.44 8.66 33.71
CA LEU A 186 11.89 8.67 33.59
C LEU A 186 12.37 7.92 32.36
N TYR A 187 13.50 8.34 31.82
CA TYR A 187 14.09 7.73 30.63
C TYR A 187 15.12 6.66 30.95
N SER A 188 15.38 5.80 29.98
CA SER A 188 16.44 4.81 30.10
C SER A 188 16.99 4.44 28.72
N LEU A 189 18.30 4.21 28.65
CA LEU A 189 18.93 3.76 27.41
C LEU A 189 20.04 2.77 27.67
N SER A 190 20.46 2.10 26.61
CA SER A 190 21.58 1.18 26.69
C SER A 190 22.64 1.54 25.66
N SER A 191 23.89 1.29 26.01
CA SER A 191 24.97 1.38 25.04
C SER A 191 25.73 0.06 25.04
N VAL A 192 25.96 -0.49 23.86
CA VAL A 192 26.63 -1.78 23.76
C VAL A 192 27.80 -1.77 22.79
N VAL A 193 28.77 -2.64 23.06
CA VAL A 193 29.98 -2.65 22.28
C VAL A 193 30.45 -4.08 21.93
N THR A 194 30.45 -4.37 20.62
CA THR A 194 30.72 -5.70 20.06
C THR A 194 32.22 -5.92 19.91
N VAL A 195 32.74 -6.99 20.52
CA VAL A 195 34.18 -7.06 20.80
C VAL A 195 34.78 -8.47 20.79
N PRO A 196 36.04 -8.58 20.38
CA PRO A 196 36.68 -9.90 20.28
C PRO A 196 36.84 -10.60 21.62
N SER A 197 36.24 -11.79 21.71
CA SER A 197 36.16 -12.58 22.93
C SER A 197 37.46 -12.70 23.72
N SER A 198 38.58 -12.78 23.00
CA SER A 198 39.88 -12.96 23.64
C SER A 198 40.40 -11.69 24.27
N SER A 199 39.70 -10.58 24.02
CA SER A 199 40.08 -9.28 24.54
C SER A 199 39.20 -8.87 25.70
N LEU A 200 38.38 -9.81 26.17
CA LEU A 200 37.48 -9.54 27.29
C LEU A 200 38.26 -9.32 28.58
N GLY A 201 39.26 -10.16 28.82
CA GLY A 201 39.96 -10.14 30.08
C GLY A 201 41.30 -9.44 30.04
N THR A 202 41.61 -8.79 28.91
CA THR A 202 42.94 -8.21 28.71
C THR A 202 43.09 -6.69 28.96
N GLN A 203 41.96 -6.02 29.18
CA GLN A 203 41.88 -4.57 29.41
C GLN A 203 41.08 -4.16 30.68
N THR A 204 39.87 -3.59 30.52
CA THR A 204 39.25 -3.43 29.19
C THR A 204 38.18 -2.33 28.98
N TYR A 205 36.93 -2.61 29.34
CA TYR A 205 35.78 -1.77 28.92
C TYR A 205 35.14 -0.83 29.95
N ILE A 206 35.23 0.48 29.73
CA ILE A 206 34.66 1.47 30.64
C ILE A 206 33.70 2.44 29.93
N CYS A 207 32.42 2.39 30.27
CA CYS A 207 31.44 3.32 29.71
C CYS A 207 31.37 4.62 30.50
N ASN A 208 31.51 5.74 29.80
CA ASN A 208 31.47 7.06 30.41
C ASN A 208 30.14 7.74 30.08
N VAL A 209 29.31 7.95 31.11
CA VAL A 209 27.97 8.49 30.90
C VAL A 209 27.74 9.87 31.49
N ASN A 210 27.47 10.83 30.61
CA ASN A 210 27.30 12.22 31.00
C ASN A 210 25.83 12.64 30.91
N HIS A 211 25.28 13.07 32.05
CA HIS A 211 23.94 13.64 32.07
C HIS A 211 24.02 15.08 32.57
N LYS A 212 24.22 15.99 31.62
CA LYS A 212 24.37 17.42 31.93
C LYS A 212 23.26 18.06 32.78
N PRO A 213 21.97 17.78 32.49
CA PRO A 213 20.92 18.47 33.25
C PRO A 213 20.99 18.24 34.75
N SER A 214 21.56 17.10 35.15
CA SER A 214 21.73 16.80 36.57
C SER A 214 23.18 16.93 37.00
N ASN A 215 24.06 17.35 36.10
CA ASN A 215 25.50 17.41 36.41
C ASN A 215 26.04 16.09 36.96
N THR A 216 25.62 14.99 36.35
CA THR A 216 26.07 13.67 36.77
C THR A 216 26.98 13.07 35.72
N LYS A 217 28.12 12.58 36.17
CA LYS A 217 28.99 11.80 35.30
C LYS A 217 29.23 10.44 35.95
N VAL A 218 29.06 9.38 35.17
CA VAL A 218 29.33 8.05 35.67
C VAL A 218 30.27 7.31 34.74
N ASP A 219 31.33 6.76 35.32
CA ASP A 219 32.25 5.92 34.58
C ASP A 219 32.17 4.52 35.15
N LYS A 220 31.56 3.63 34.36
CA LYS A 220 31.22 2.30 34.82
C LYS A 220 32.13 1.28 34.16
N ARG A 221 32.98 0.61 34.93
CA ARG A 221 33.79 -0.45 34.33
C ARG A 221 32.99 -1.74 34.24
N VAL A 222 32.97 -2.33 33.06
CA VAL A 222 32.18 -3.52 32.80
C VAL A 222 33.06 -4.76 32.79
N GLU A 223 32.98 -5.56 33.85
CA GLU A 223 33.74 -6.79 33.95
C GLU A 223 32.96 -7.91 33.28
N PRO A 224 33.67 -8.83 32.60
CA PRO A 224 33.00 -9.93 31.89
C PRO A 224 32.21 -10.81 32.85
N GLN B 1 -9.80 14.41 16.40
CA GLN B 1 -8.42 14.81 16.60
C GLN B 1 -7.85 15.53 15.38
N SER B 2 -8.04 14.94 14.20
CA SER B 2 -7.64 15.57 12.96
C SER B 2 -8.81 15.60 11.97
N VAL B 3 -9.09 16.78 11.43
CA VAL B 3 -10.28 17.01 10.62
C VAL B 3 -10.21 16.41 9.21
N LEU B 4 -9.04 16.47 8.59
CA LEU B 4 -8.83 15.78 7.32
C LEU B 4 -8.24 14.39 7.59
N THR B 5 -8.52 13.42 6.72
CA THR B 5 -8.10 12.04 6.95
C THR B 5 -7.12 11.52 5.89
N GLN B 6 -5.99 11.01 6.35
CA GLN B 6 -4.99 10.41 5.47
C GLN B 6 -4.70 9.00 5.98
N PRO B 7 -4.25 8.11 5.08
CA PRO B 7 -3.74 6.82 5.57
C PRO B 7 -2.48 7.06 6.40
N PRO B 8 -2.35 6.34 7.53
CA PRO B 8 -1.21 6.49 8.45
C PRO B 8 0.13 6.23 7.76
N SER B 9 0.18 5.29 6.82
CA SER B 9 1.44 4.96 6.16
C SER B 9 1.29 4.40 4.75
N VAL B 10 2.24 4.77 3.90
CA VAL B 10 2.38 4.18 2.57
C VAL B 10 3.84 3.82 2.38
N SER B 11 4.12 2.91 1.45
CA SER B 11 5.49 2.52 1.18
C SER B 11 5.68 2.21 -0.30
N GLY B 12 6.92 2.29 -0.77
CA GLY B 12 7.19 1.98 -2.16
C GLY B 12 8.62 1.64 -2.46
N ALA B 13 8.83 0.89 -3.52
CA ALA B 13 10.17 0.61 -4.01
C ALA B 13 10.65 1.85 -4.73
N PRO B 14 11.98 2.08 -4.74
CA PRO B 14 12.52 3.17 -5.55
C PRO B 14 12.11 3.00 -7.00
N GLY B 15 11.67 4.09 -7.63
CA GLY B 15 11.22 4.03 -9.01
C GLY B 15 9.72 3.93 -9.18
N GLN B 16 9.00 3.51 -8.14
CA GLN B 16 7.57 3.26 -8.29
C GLN B 16 6.71 4.47 -7.96
N LYS B 17 5.41 4.32 -8.17
CA LYS B 17 4.45 5.36 -7.83
C LYS B 17 3.84 5.09 -6.45
N VAL B 18 3.55 6.15 -5.71
CA VAL B 18 2.67 6.04 -4.54
C VAL B 18 1.63 7.15 -4.57
N THR B 19 0.48 6.88 -3.97
CA THR B 19 -0.60 7.86 -3.88
C THR B 19 -1.02 8.01 -2.43
N ILE B 20 -1.15 9.27 -1.99
CA ILE B 20 -1.59 9.56 -0.63
C ILE B 20 -2.91 10.31 -0.66
N SER B 21 -3.91 9.75 0.01
CA SER B 21 -5.25 10.29 -0.01
C SER B 21 -5.46 11.27 1.14
N CYS B 22 -6.28 12.28 0.91
CA CYS B 22 -6.65 13.24 1.94
C CYS B 22 -8.15 13.45 1.84
N THR B 23 -8.90 12.97 2.81
CA THR B 23 -10.36 13.08 2.72
C THR B 23 -10.94 14.08 3.70
N GLY B 24 -11.83 14.93 3.19
CA GLY B 24 -12.48 15.93 4.01
C GLY B 24 -13.98 15.93 3.80
N SER B 25 -14.58 17.11 3.96
CA SER B 25 -16.03 17.25 3.78
C SER B 25 -16.34 18.55 3.04
N SER B 26 -17.63 18.79 2.80
CA SER B 26 -18.08 20.00 2.12
C SER B 26 -17.64 21.26 2.83
N SER B 27 -17.46 21.14 4.13
CA SER B 27 -17.11 22.29 4.96
C SER B 27 -15.64 22.68 4.86
N ASN B 28 -14.81 21.76 4.40
CA ASN B 28 -13.42 22.10 4.12
C ASN B 28 -13.00 21.97 2.65
N ILE B 29 -12.60 20.78 2.23
CA ILE B 29 -12.15 20.57 0.86
C ILE B 29 -13.22 20.91 -0.17
N GLY B 30 -14.48 20.72 0.20
CA GLY B 30 -15.58 21.03 -0.68
C GLY B 30 -15.67 22.51 -1.00
N GLY B 31 -15.13 23.35 -0.12
CA GLY B 31 -15.19 24.78 -0.31
C GLY B 31 -13.84 25.45 -0.52
N TYR B 32 -12.75 24.74 -0.21
CA TYR B 32 -11.43 25.35 -0.23
C TYR B 32 -10.35 24.51 -0.91
N ASP B 33 -9.26 25.16 -1.26
CA ASP B 33 -8.13 24.48 -1.87
C ASP B 33 -7.39 23.62 -0.84
N VAL B 34 -6.62 22.66 -1.33
CA VAL B 34 -5.85 21.80 -0.47
C VAL B 34 -4.36 22.01 -0.72
N HIS B 35 -3.59 22.10 0.35
CA HIS B 35 -2.14 22.22 0.24
C HIS B 35 -1.47 21.01 0.89
N TRP B 36 -0.24 20.71 0.46
CA TRP B 36 0.50 19.56 0.93
C TRP B 36 1.90 19.92 1.41
N TYR B 37 2.29 19.32 2.52
CA TYR B 37 3.60 19.55 3.11
C TYR B 37 4.36 18.26 3.22
N GLN B 38 5.67 18.37 3.01
CA GLN B 38 6.58 17.26 3.22
C GLN B 38 7.44 17.61 4.42
N GLN B 39 7.39 16.78 5.45
CA GLN B 39 8.20 16.98 6.64
C GLN B 39 9.25 15.88 6.74
N LEU B 40 10.49 16.25 6.45
CA LEU B 40 11.63 15.37 6.62
C LEU B 40 11.96 15.33 8.11
N PRO B 41 12.58 14.24 8.57
CA PRO B 41 12.86 14.07 10.01
C PRO B 41 13.66 15.21 10.60
N GLY B 42 13.11 15.85 11.63
CA GLY B 42 13.80 16.93 12.32
C GLY B 42 13.55 18.30 11.73
N MET B 43 12.80 18.33 10.63
CA MET B 43 12.56 19.58 9.93
C MET B 43 11.15 20.11 10.18
N ALA B 44 10.98 21.40 9.96
CA ALA B 44 9.65 22.00 9.87
C ALA B 44 8.98 21.46 8.62
N PRO B 45 7.64 21.50 8.57
CA PRO B 45 6.97 21.07 7.34
C PRO B 45 7.34 21.99 6.19
N LYS B 46 7.40 21.43 5.00
CA LYS B 46 7.85 22.16 3.84
C LYS B 46 6.77 22.09 2.79
N LEU B 47 6.30 23.26 2.35
CA LEU B 47 5.24 23.32 1.36
C LEU B 47 5.65 22.56 0.11
N LEU B 48 4.83 21.58 -0.27
CA LEU B 48 5.15 20.66 -1.35
C LEU B 48 4.20 20.88 -2.51
N ILE B 49 2.92 21.04 -2.17
CA ILE B 49 1.91 21.36 -3.17
C ILE B 49 1.06 22.50 -2.62
N TYR B 50 0.72 23.47 -3.47
CA TYR B 50 -0.23 24.50 -3.04
C TYR B 50 -1.30 24.74 -4.09
N ASP B 51 -2.47 25.18 -3.61
CA ASP B 51 -3.63 25.41 -4.46
C ASP B 51 -3.92 24.18 -5.32
N ASN B 52 -4.07 23.04 -4.65
CA ASN B 52 -4.44 21.77 -5.27
C ASN B 52 -3.35 21.10 -6.12
N ASN B 53 -2.71 21.85 -7.01
CA ASN B 53 -1.81 21.23 -7.97
C ASN B 53 -0.56 22.02 -8.37
N GLU B 54 -0.28 23.12 -7.68
CA GLU B 54 0.89 23.91 -8.00
C GLU B 54 2.10 23.47 -7.16
N ARG B 55 3.28 23.55 -7.76
CA ARG B 55 4.52 23.26 -7.04
C ARG B 55 5.27 24.55 -6.73
N PRO B 56 5.79 24.66 -5.50
CA PRO B 56 6.73 25.74 -5.20
C PRO B 56 7.99 25.55 -6.03
N SER B 57 8.83 26.58 -6.13
CA SER B 57 10.09 26.48 -6.84
C SER B 57 10.95 25.42 -6.17
N GLY B 58 11.61 24.57 -6.95
CA GLY B 58 12.49 23.56 -6.39
C GLY B 58 11.85 22.18 -6.24
N ILE B 59 10.53 22.13 -6.14
CA ILE B 59 9.83 20.86 -6.00
C ILE B 59 9.69 20.13 -7.34
N SER B 60 10.12 18.87 -7.35
CA SER B 60 10.13 18.04 -8.55
C SER B 60 8.72 17.80 -9.11
N ASP B 61 8.63 17.57 -10.43
CA ASP B 61 7.34 17.28 -11.04
C ASP B 61 6.86 15.88 -10.74
N ARG B 62 7.70 15.12 -10.05
CA ARG B 62 7.33 13.79 -9.60
C ARG B 62 6.21 13.90 -8.58
N PHE B 63 6.05 15.09 -8.03
CA PHE B 63 4.97 15.39 -7.10
C PHE B 63 3.86 16.15 -7.79
N SER B 64 2.66 15.57 -7.79
CA SER B 64 1.51 16.26 -8.35
C SER B 64 0.32 16.17 -7.41
N GLY B 65 -0.49 17.22 -7.35
CA GLY B 65 -1.67 17.19 -6.51
C GLY B 65 -2.95 17.26 -7.32
N SER B 66 -4.03 16.74 -6.76
CA SER B 66 -5.35 16.90 -7.36
C SER B 66 -6.40 17.07 -6.28
N LYS B 67 -7.54 17.65 -6.66
CA LYS B 67 -8.64 17.84 -5.75
C LYS B 67 -9.94 17.46 -6.46
N SER B 68 -10.85 16.83 -5.73
CA SER B 68 -12.07 16.31 -6.32
C SER B 68 -13.19 16.27 -5.28
N ALA B 69 -14.24 17.05 -5.50
CA ALA B 69 -15.37 17.12 -4.58
C ALA B 69 -14.95 17.43 -3.14
N THR B 70 -14.78 16.38 -2.33
CA THR B 70 -14.41 16.55 -0.92
C THR B 70 -13.17 15.78 -0.51
N SER B 71 -12.34 15.42 -1.49
CA SER B 71 -11.07 14.77 -1.21
C SER B 71 -9.99 15.39 -2.08
N ALA B 72 -8.74 15.08 -1.76
CA ALA B 72 -7.59 15.54 -2.51
C ALA B 72 -6.59 14.39 -2.52
N SER B 73 -5.63 14.45 -3.42
CA SER B 73 -4.70 13.34 -3.58
C SER B 73 -3.32 13.82 -3.99
N LEU B 74 -2.29 13.24 -3.38
CA LEU B 74 -0.92 13.55 -3.73
C LEU B 74 -0.29 12.34 -4.41
N ALA B 75 0.12 12.52 -5.66
CA ALA B 75 0.78 11.48 -6.42
C ALA B 75 2.28 11.71 -6.50
N ILE B 76 3.03 10.66 -6.20
CA ILE B 76 4.48 10.68 -6.31
C ILE B 76 4.93 9.60 -7.29
N THR B 77 5.67 10.01 -8.32
CA THR B 77 6.24 9.06 -9.27
C THR B 77 7.75 8.98 -9.09
N GLY B 78 8.36 7.93 -9.65
CA GLY B 78 9.79 7.73 -9.59
C GLY B 78 10.34 7.87 -8.17
N LEU B 79 9.72 7.12 -7.26
CA LEU B 79 10.00 7.24 -5.84
C LEU B 79 11.48 7.17 -5.53
N GLN B 80 11.96 8.11 -4.73
CA GLN B 80 13.35 8.16 -4.34
C GLN B 80 13.48 8.02 -2.84
N THR B 81 14.63 7.53 -2.38
CA THR B 81 14.92 7.42 -0.95
C THR B 81 14.76 8.77 -0.27
N GLU B 82 15.05 9.83 -1.01
CA GLU B 82 14.92 11.20 -0.50
C GLU B 82 13.47 11.56 -0.16
N ASP B 83 12.53 10.81 -0.73
CA ASP B 83 11.11 11.10 -0.53
C ASP B 83 10.59 10.60 0.81
N GLU B 84 11.42 9.83 1.51
CA GLU B 84 11.02 9.28 2.81
C GLU B 84 10.77 10.41 3.81
N ALA B 85 9.52 10.57 4.21
CA ALA B 85 9.12 11.68 5.05
C ALA B 85 7.68 11.53 5.52
N ASP B 86 7.19 12.49 6.29
CA ASP B 86 5.77 12.51 6.65
C ASP B 86 5.06 13.53 5.76
N TYR B 87 3.91 13.17 5.22
CA TYR B 87 3.19 14.07 4.33
C TYR B 87 1.87 14.51 4.93
N TYR B 88 1.61 15.81 4.90
CA TYR B 88 0.38 16.34 5.46
C TYR B 88 -0.43 17.10 4.41
N CYS B 89 -1.73 16.87 4.39
CA CYS B 89 -2.60 17.76 3.64
C CYS B 89 -3.11 18.85 4.59
N GLN B 90 -3.50 19.98 4.01
CA GLN B 90 -3.98 21.09 4.79
C GLN B 90 -4.99 21.88 3.98
N SER B 91 -6.03 22.34 4.66
CA SER B 91 -7.01 23.20 4.04
C SER B 91 -7.57 24.09 5.13
N TYR B 92 -8.77 24.60 4.88
CA TYR B 92 -9.45 25.42 5.86
C TYR B 92 -10.90 24.96 5.95
N ASP B 93 -11.49 25.06 7.14
CA ASP B 93 -12.85 24.61 7.38
C ASP B 93 -13.75 25.79 7.75
N SER B 94 -14.79 26.02 6.95
CA SER B 94 -15.69 27.16 7.16
C SER B 94 -16.68 26.92 8.30
N SER B 95 -16.90 25.65 8.64
CA SER B 95 -17.79 25.32 9.77
C SER B 95 -17.08 25.53 11.10
N LEU B 96 -15.78 25.27 11.10
CA LEU B 96 -14.97 25.43 12.31
C LEU B 96 -14.36 26.81 12.36
N ASN B 97 -14.37 27.48 11.21
CA ASN B 97 -13.68 28.74 11.05
C ASN B 97 -12.22 28.61 11.42
N ALA B 98 -11.59 27.55 10.91
CA ALA B 98 -10.24 27.22 11.35
C ALA B 98 -9.45 26.51 10.25
N TRP B 99 -8.13 26.73 10.25
CA TRP B 99 -7.22 25.96 9.41
C TRP B 99 -7.27 24.52 9.88
N VAL B 100 -7.24 23.58 8.94
CA VAL B 100 -7.25 22.17 9.30
C VAL B 100 -6.18 21.35 8.59
N PHE B 101 -5.67 20.34 9.29
CA PHE B 101 -4.65 19.44 8.76
C PHE B 101 -5.14 18.00 8.72
N GLY B 102 -4.52 17.21 7.83
CA GLY B 102 -4.67 15.78 7.89
C GLY B 102 -3.78 15.26 9.01
N GLY B 103 -3.98 14.01 9.40
CA GLY B 103 -3.22 13.43 10.50
C GLY B 103 -1.82 13.02 10.12
N GLY B 104 -1.54 13.05 8.82
CA GLY B 104 -0.22 12.73 8.32
C GLY B 104 -0.10 11.32 7.78
N THR B 105 0.72 11.17 6.75
CA THR B 105 1.00 9.86 6.17
C THR B 105 2.51 9.61 6.20
N ARG B 106 2.95 8.53 6.82
CA ARG B 106 4.37 8.24 6.80
C ARG B 106 4.73 7.43 5.56
N LEU B 107 5.61 8.00 4.74
CA LEU B 107 6.05 7.32 3.52
C LEU B 107 7.39 6.63 3.74
N THR B 108 7.44 5.30 3.57
CA THR B 108 8.72 4.61 3.60
C THR B 108 9.15 4.17 2.21
N VAL B 109 10.39 4.45 1.88
CA VAL B 109 10.99 4.02 0.62
C VAL B 109 11.87 2.82 0.91
N LEU B 110 11.51 1.68 0.35
CA LEU B 110 12.28 0.45 0.57
C LEU B 110 13.57 0.44 -0.25
N GLY B 111 14.58 1.14 0.27
CA GLY B 111 15.83 1.34 -0.45
C GLY B 111 16.98 0.45 0.00
N GLN B 112 16.67 -0.60 0.75
CA GLN B 112 17.67 -1.58 1.16
C GLN B 112 17.11 -3.01 1.11
N PRO B 113 18.01 -4.00 1.05
CA PRO B 113 17.57 -5.41 1.11
C PRO B 113 16.87 -5.73 2.42
N LYS B 114 15.84 -6.57 2.36
CA LYS B 114 15.19 -7.08 3.55
C LYS B 114 16.23 -7.77 4.42
N ALA B 115 16.12 -7.59 5.73
CA ALA B 115 17.07 -8.19 6.65
C ALA B 115 16.41 -8.49 8.00
N ALA B 116 16.59 -9.71 8.48
CA ALA B 116 16.08 -10.11 9.78
C ALA B 116 16.92 -9.44 10.87
N PRO B 117 16.32 -9.20 12.05
CA PRO B 117 17.06 -8.52 13.12
C PRO B 117 18.04 -9.43 13.86
N SER B 118 19.12 -8.83 14.35
CA SER B 118 19.96 -9.47 15.35
C SER B 118 19.34 -9.12 16.70
N VAL B 119 19.31 -10.08 17.62
CA VAL B 119 18.67 -9.84 18.91
C VAL B 119 19.62 -10.20 20.05
N THR B 120 19.93 -9.23 20.91
CA THR B 120 20.73 -9.50 22.09
C THR B 120 19.95 -9.23 23.37
N LEU B 121 19.91 -10.24 24.24
CA LEU B 121 19.17 -10.15 25.49
C LEU B 121 20.10 -10.16 26.70
N PHE B 122 20.02 -9.11 27.51
CA PHE B 122 20.84 -9.01 28.71
C PHE B 122 20.02 -9.25 29.98
N PRO B 123 20.57 -10.02 30.93
CA PRO B 123 19.91 -10.23 32.23
C PRO B 123 20.13 -9.00 33.12
N PRO B 124 19.42 -8.91 34.24
CA PRO B 124 19.69 -7.85 35.22
C PRO B 124 21.11 -7.95 35.75
N SER B 125 21.74 -6.82 36.03
CA SER B 125 23.05 -6.84 36.66
C SER B 125 22.89 -7.05 38.17
N SER B 126 23.93 -7.52 38.84
CA SER B 126 23.88 -7.71 40.29
C SER B 126 23.68 -6.38 41.00
N GLU B 127 24.18 -5.31 40.40
CA GLU B 127 24.04 -3.98 40.98
C GLU B 127 22.60 -3.50 40.99
N GLU B 128 21.89 -3.70 39.89
CA GLU B 128 20.49 -3.33 39.82
C GLU B 128 19.69 -4.18 40.79
N LEU B 129 20.04 -5.47 40.84
CA LEU B 129 19.38 -6.40 41.75
C LEU B 129 19.60 -6.00 43.21
N GLN B 130 20.77 -5.44 43.51
CA GLN B 130 21.04 -4.99 44.87
C GLN B 130 20.26 -3.71 45.18
N ALA B 131 19.88 -2.99 44.13
CA ALA B 131 19.01 -1.82 44.27
C ALA B 131 17.56 -2.29 44.28
N ASN B 132 17.40 -3.60 44.48
CA ASN B 132 16.12 -4.28 44.42
C ASN B 132 15.27 -3.93 43.20
N LYS B 133 15.93 -3.82 42.05
CA LYS B 133 15.24 -3.66 40.79
C LYS B 133 15.78 -4.71 39.83
N ALA B 134 15.09 -4.92 38.73
CA ALA B 134 15.55 -5.84 37.69
C ALA B 134 15.03 -5.42 36.32
N THR B 135 15.95 -5.25 35.39
CA THR B 135 15.57 -4.90 34.03
C THR B 135 16.24 -5.85 33.05
N LEU B 136 15.43 -6.55 32.26
CA LEU B 136 15.96 -7.29 31.13
C LEU B 136 16.01 -6.33 29.96
N VAL B 137 17.08 -6.39 29.20
CA VAL B 137 17.26 -5.48 28.08
C VAL B 137 17.40 -6.24 26.78
N CYS B 138 16.45 -6.01 25.86
CA CYS B 138 16.48 -6.68 24.57
C CYS B 138 16.88 -5.69 23.49
N LEU B 139 18.03 -5.93 22.88
CA LEU B 139 18.52 -5.02 21.84
C LEU B 139 18.41 -5.63 20.45
N ILE B 140 17.73 -4.91 19.59
CA ILE B 140 17.36 -5.39 18.27
C ILE B 140 18.00 -4.49 17.23
N SER B 141 18.68 -5.07 16.24
CA SER B 141 19.41 -4.26 15.28
C SER B 141 19.56 -4.86 13.89
N ASP B 142 19.93 -3.99 12.95
CA ASP B 142 20.23 -4.39 11.58
C ASP B 142 19.07 -5.09 10.88
N PHE B 143 17.85 -4.69 11.20
CA PHE B 143 16.68 -5.19 10.48
C PHE B 143 16.21 -4.20 9.43
N TYR B 144 15.58 -4.71 8.39
CA TYR B 144 14.99 -3.87 7.35
C TYR B 144 13.87 -4.61 6.64
N PRO B 145 12.74 -3.92 6.40
CA PRO B 145 12.37 -2.55 6.81
C PRO B 145 12.24 -2.37 8.32
N GLY B 146 12.09 -1.13 8.75
CA GLY B 146 12.12 -0.80 10.18
C GLY B 146 10.79 -0.96 10.91
N ALA B 147 10.29 -2.19 10.96
CA ALA B 147 9.10 -2.48 11.74
C ALA B 147 9.22 -3.85 12.39
N VAL B 148 9.23 -3.87 13.72
CA VAL B 148 9.24 -5.12 14.47
C VAL B 148 8.19 -5.03 15.56
N THR B 149 7.74 -6.19 16.03
CA THR B 149 7.02 -6.25 17.28
C THR B 149 7.76 -7.17 18.24
N VAL B 150 7.67 -6.86 19.51
CA VAL B 150 8.42 -7.59 20.52
C VAL B 150 7.49 -8.28 21.50
N ALA B 151 7.71 -9.57 21.70
CA ALA B 151 6.97 -10.34 22.69
C ALA B 151 7.90 -10.88 23.77
N TRP B 152 7.52 -10.68 25.02
CA TRP B 152 8.28 -11.18 26.16
C TRP B 152 7.59 -12.37 26.81
N LYS B 153 8.35 -13.42 27.12
CA LYS B 153 7.79 -14.51 27.91
C LYS B 153 8.54 -14.72 29.20
N ALA B 154 7.80 -15.08 30.23
CA ALA B 154 8.39 -15.57 31.47
C ALA B 154 8.19 -17.07 31.45
N ASP B 155 9.29 -17.79 31.28
CA ASP B 155 9.24 -19.21 30.91
C ASP B 155 8.52 -19.39 29.57
N SER B 156 7.26 -19.82 29.60
CA SER B 156 6.47 -19.96 28.38
C SER B 156 5.34 -18.94 28.32
N SER B 157 5.02 -18.35 29.48
CA SER B 157 3.91 -17.42 29.60
C SER B 157 4.30 -16.01 29.16
N PRO B 158 3.48 -15.40 28.30
CA PRO B 158 3.71 -14.00 27.90
C PRO B 158 3.59 -13.04 29.07
N VAL B 159 4.40 -11.98 29.02
CA VAL B 159 4.27 -10.87 29.96
C VAL B 159 3.98 -9.63 29.14
N LYS B 160 2.99 -8.85 29.55
CA LYS B 160 2.72 -7.59 28.88
C LYS B 160 3.08 -6.46 29.84
N ALA B 161 2.99 -6.76 31.14
CA ALA B 161 3.26 -5.77 32.17
C ALA B 161 4.74 -5.49 32.27
N GLY B 162 5.09 -4.21 32.45
CA GLY B 162 6.47 -3.82 32.63
C GLY B 162 7.28 -3.75 31.34
N VAL B 163 6.64 -4.07 30.22
CA VAL B 163 7.30 -3.99 28.92
C VAL B 163 7.29 -2.56 28.38
N GLU B 164 8.46 -2.08 27.97
CA GLU B 164 8.57 -0.78 27.32
C GLU B 164 9.50 -0.91 26.12
N THR B 165 9.00 -0.57 24.94
CA THR B 165 9.74 -0.79 23.70
C THR B 165 9.82 0.49 22.89
N THR B 166 11.02 0.85 22.46
CA THR B 166 11.21 2.02 21.61
C THR B 166 10.63 1.77 20.23
N THR B 167 10.42 2.86 19.49
CA THR B 167 10.10 2.78 18.09
C THR B 167 11.41 2.53 17.35
N PRO B 168 11.35 1.93 16.16
CA PRO B 168 12.60 1.71 15.43
C PRO B 168 13.24 3.03 15.03
N SER B 169 14.58 3.05 15.06
CA SER B 169 15.33 4.24 14.69
C SER B 169 16.44 3.87 13.71
N LYS B 170 16.59 4.70 12.68
CA LYS B 170 17.54 4.47 11.60
C LYS B 170 18.98 4.59 12.08
N GLN B 171 19.76 3.53 11.88
CA GLN B 171 21.17 3.54 12.25
C GLN B 171 21.98 4.34 11.23
N SER B 172 23.28 4.42 11.44
CA SER B 172 24.16 5.09 10.48
C SER B 172 24.28 4.25 9.20
N ASN B 173 24.09 2.93 9.32
CA ASN B 173 24.23 2.03 8.18
C ASN B 173 22.92 1.83 7.40
N ASN B 174 21.95 2.71 7.69
CA ASN B 174 20.63 2.70 7.06
C ASN B 174 19.68 1.54 7.42
N LYS B 175 20.17 0.55 8.16
CA LYS B 175 19.30 -0.45 8.76
C LYS B 175 18.76 0.11 10.07
N TYR B 176 17.89 -0.63 10.74
CA TYR B 176 17.22 -0.08 11.91
C TYR B 176 17.60 -0.73 13.23
N ALA B 177 17.40 0.02 14.30
CA ALA B 177 17.61 -0.47 15.65
C ALA B 177 16.39 -0.19 16.51
N ALA B 178 16.21 -1.02 17.53
CA ALA B 178 15.16 -0.82 18.51
C ALA B 178 15.58 -1.52 19.80
N SER B 179 14.97 -1.13 20.90
CA SER B 179 15.23 -1.76 22.19
C SER B 179 13.92 -2.02 22.92
N SER B 180 13.88 -3.08 23.71
CA SER B 180 12.72 -3.36 24.55
C SER B 180 13.18 -3.70 25.97
N TYR B 181 12.48 -3.15 26.94
CA TYR B 181 12.84 -3.34 28.34
C TYR B 181 11.72 -4.03 29.10
N LEU B 182 12.09 -5.02 29.90
CA LEU B 182 11.13 -5.69 30.76
C LEU B 182 11.51 -5.47 32.22
N SER B 183 10.70 -4.70 32.92
CA SER B 183 10.93 -4.42 34.33
C SER B 183 10.39 -5.57 35.18
N LEU B 184 11.22 -6.09 36.09
CA LEU B 184 10.77 -7.14 36.99
C LEU B 184 11.16 -6.81 38.42
N THR B 185 10.48 -7.45 39.37
CA THR B 185 10.98 -7.50 40.72
C THR B 185 12.12 -8.50 40.66
N PRO B 186 13.11 -8.37 41.54
CA PRO B 186 14.15 -9.39 41.62
C PRO B 186 13.56 -10.75 41.99
N GLU B 187 12.46 -10.75 42.73
CA GLU B 187 11.76 -11.99 43.05
C GLU B 187 11.26 -12.65 41.78
N GLN B 188 10.63 -11.86 40.91
CA GLN B 188 10.16 -12.36 39.62
C GLN B 188 11.31 -12.93 38.79
N TRP B 189 12.43 -12.20 38.75
CA TRP B 189 13.63 -12.66 38.06
C TRP B 189 14.08 -14.04 38.56
N LYS B 190 14.30 -14.15 39.86
CA LYS B 190 14.74 -15.42 40.46
C LYS B 190 13.71 -16.54 40.33
N SER B 191 12.43 -16.20 40.39
CA SER B 191 11.37 -17.21 40.50
C SER B 191 10.84 -17.81 39.19
N HIS B 192 11.56 -17.62 38.09
CA HIS B 192 11.26 -18.35 36.87
C HIS B 192 12.52 -19.05 36.41
N ARG B 193 12.39 -20.04 35.53
CA ARG B 193 13.57 -20.67 34.97
C ARG B 193 14.24 -19.76 33.99
N SER B 194 13.42 -19.04 33.21
CA SER B 194 13.97 -18.22 32.13
C SER B 194 13.01 -17.11 31.67
N TYR B 195 13.58 -16.14 30.96
CA TYR B 195 12.80 -15.08 30.31
C TYR B 195 13.22 -15.01 28.85
N SER B 196 12.26 -14.81 27.97
CA SER B 196 12.56 -14.75 26.56
C SER B 196 12.11 -13.44 25.93
N CYS B 197 12.91 -12.95 24.99
CA CYS B 197 12.55 -11.80 24.18
C CYS B 197 12.34 -12.26 22.75
N GLN B 198 11.10 -12.23 22.28
CA GLN B 198 10.78 -12.62 20.91
C GLN B 198 10.54 -11.41 20.03
N VAL B 199 11.30 -11.33 18.95
CA VAL B 199 11.17 -10.21 18.01
C VAL B 199 10.63 -10.69 16.67
N THR B 200 9.45 -10.22 16.32
CA THR B 200 8.81 -10.62 15.07
C THR B 200 9.06 -9.59 13.98
N HIS B 201 9.55 -10.07 12.84
CA HIS B 201 9.89 -9.20 11.72
C HIS B 201 9.42 -9.82 10.41
N GLU B 202 8.47 -9.15 9.74
CA GLU B 202 7.91 -9.63 8.48
C GLU B 202 7.38 -11.05 8.58
N GLY B 203 6.66 -11.35 9.66
CA GLY B 203 6.14 -12.69 9.88
C GLY B 203 7.20 -13.73 10.16
N SER B 204 8.40 -13.29 10.54
CA SER B 204 9.44 -14.20 10.99
C SER B 204 9.93 -13.81 12.38
N THR B 205 10.21 -14.80 13.21
CA THR B 205 10.54 -14.54 14.61
C THR B 205 11.97 -14.92 14.95
N VAL B 206 12.68 -14.01 15.62
CA VAL B 206 13.98 -14.33 16.21
C VAL B 206 13.85 -14.20 17.72
N GLU B 207 14.35 -15.20 18.45
CA GLU B 207 14.16 -15.24 19.90
C GLU B 207 15.47 -15.44 20.65
N LYS B 208 15.62 -14.73 21.76
CA LYS B 208 16.72 -14.93 22.69
C LYS B 208 16.14 -15.15 24.08
N THR B 209 16.79 -15.97 24.90
CA THR B 209 16.34 -16.21 26.27
C THR B 209 17.51 -16.21 27.24
N VAL B 210 17.26 -15.78 28.47
CA VAL B 210 18.27 -15.83 29.52
C VAL B 210 17.67 -16.38 30.82
N ALA B 211 18.53 -16.67 31.79
CA ALA B 211 18.12 -17.34 33.02
C ALA B 211 19.02 -16.92 34.18
N PRO B 212 18.44 -16.79 35.39
CA PRO B 212 19.16 -16.43 36.62
C PRO B 212 20.43 -17.25 36.82
N GLU C 1 -16.54 -30.40 2.72
CA GLU C 1 -15.57 -31.09 3.58
C GLU C 1 -14.47 -30.13 4.02
N VAL C 2 -13.30 -30.15 3.38
CA VAL C 2 -12.36 -29.06 3.64
C VAL C 2 -12.71 -27.86 2.76
N GLN C 3 -12.76 -26.69 3.38
CA GLN C 3 -13.11 -25.46 2.69
C GLN C 3 -12.12 -24.37 3.05
N LEU C 4 -11.68 -23.65 2.03
CA LEU C 4 -10.85 -22.47 2.21
C LEU C 4 -11.65 -21.24 1.84
N VAL C 5 -12.03 -20.44 2.83
CA VAL C 5 -12.86 -19.27 2.60
C VAL C 5 -12.06 -17.98 2.64
N GLN C 6 -11.95 -17.32 1.50
CA GLN C 6 -11.14 -16.10 1.42
C GLN C 6 -11.94 -14.81 1.54
N SER C 7 -11.29 -13.78 2.05
CA SER C 7 -11.89 -12.44 2.06
C SER C 7 -10.82 -11.37 1.86
N GLY C 8 -11.24 -10.20 1.38
CA GLY C 8 -10.33 -9.07 1.29
C GLY C 8 -10.27 -8.42 -0.07
N ALA C 9 -11.23 -8.72 -0.94
CA ALA C 9 -11.30 -8.08 -2.25
C ALA C 9 -11.40 -6.58 -2.06
N GLU C 10 -10.57 -5.84 -2.80
CA GLU C 10 -10.57 -4.39 -2.66
C GLU C 10 -9.83 -3.68 -3.80
N VAL C 11 -10.19 -2.41 -4.01
CA VAL C 11 -9.45 -1.55 -4.92
C VAL C 11 -8.46 -0.72 -4.10
N LYS C 12 -7.19 -0.82 -4.44
CA LYS C 12 -6.16 -0.15 -3.66
C LYS C 12 -5.35 0.87 -4.47
N LYS C 13 -4.73 1.81 -3.76
CA LYS C 13 -3.86 2.80 -4.37
C LYS C 13 -2.43 2.27 -4.37
N PRO C 14 -1.62 2.71 -5.34
CA PRO C 14 -0.19 2.37 -5.32
C PRO C 14 0.44 2.90 -4.04
N GLY C 15 1.25 2.07 -3.38
CA GLY C 15 1.90 2.47 -2.14
C GLY C 15 1.17 2.03 -0.89
N SER C 16 -0.05 1.55 -1.06
CA SER C 16 -0.83 1.09 0.09
C SER C 16 -0.56 -0.38 0.38
N SER C 17 -1.25 -0.93 1.38
CA SER C 17 -1.09 -2.32 1.73
C SER C 17 -2.46 -2.99 1.77
N VAL C 18 -2.53 -4.26 1.41
CA VAL C 18 -3.79 -5.00 1.47
C VAL C 18 -3.60 -6.31 2.24
N LYS C 19 -4.59 -6.66 3.05
CA LYS C 19 -4.52 -7.89 3.83
C LYS C 19 -5.65 -8.83 3.44
N VAL C 20 -5.27 -9.97 2.88
CA VAL C 20 -6.23 -10.98 2.46
C VAL C 20 -6.29 -12.12 3.47
N SER C 21 -7.51 -12.60 3.74
CA SER C 21 -7.70 -13.68 4.69
C SER C 21 -8.14 -14.98 4.01
N CYS C 22 -7.79 -16.09 4.66
CA CYS C 22 -8.09 -17.42 4.17
C CYS C 22 -8.40 -18.30 5.37
N LYS C 23 -9.69 -18.45 5.70
CA LYS C 23 -10.11 -19.22 6.85
C LYS C 23 -10.33 -20.68 6.47
N ALA C 24 -9.67 -21.57 7.20
CA ALA C 24 -9.71 -22.99 6.89
C ALA C 24 -10.69 -23.76 7.76
N SER C 25 -11.48 -24.64 7.14
CA SER C 25 -12.38 -25.50 7.89
C SER C 25 -12.38 -26.90 7.30
N GLY C 26 -12.72 -27.90 8.12
CA GLY C 26 -12.83 -29.26 7.63
C GLY C 26 -11.57 -30.08 7.84
N TYR C 27 -10.57 -29.48 8.47
CA TYR C 27 -9.37 -30.20 8.85
C TYR C 27 -8.68 -29.47 9.99
N THR C 28 -7.68 -30.09 10.60
CA THR C 28 -6.91 -29.41 11.63
C THR C 28 -5.98 -28.41 10.97
N PHE C 29 -6.32 -27.13 11.12
CA PHE C 29 -5.60 -26.01 10.50
C PHE C 29 -4.09 -26.12 10.58
N THR C 30 -3.59 -26.52 11.75
CA THR C 30 -2.15 -26.56 12.02
C THR C 30 -1.46 -27.82 11.50
N ASP C 31 -2.21 -28.70 10.84
CA ASP C 31 -1.62 -29.93 10.32
C ASP C 31 -1.05 -29.77 8.91
N TYR C 32 -1.32 -28.62 8.28
CA TYR C 32 -0.93 -28.41 6.89
C TYR C 32 -0.39 -27.02 6.61
N TYR C 33 0.68 -26.93 5.85
CA TYR C 33 1.19 -25.64 5.38
C TYR C 33 0.14 -24.93 4.56
N MET C 34 0.10 -23.61 4.64
CA MET C 34 -0.79 -22.86 3.78
C MET C 34 0.02 -22.02 2.80
N HIS C 35 -0.34 -22.05 1.53
CA HIS C 35 0.40 -21.32 0.51
C HIS C 35 -0.44 -20.19 -0.06
N TRP C 36 0.23 -19.24 -0.71
CA TRP C 36 -0.44 -18.15 -1.42
C TRP C 36 0.03 -18.08 -2.87
N VAL C 37 -0.95 -18.05 -3.79
CA VAL C 37 -0.67 -18.04 -5.21
C VAL C 37 -1.50 -16.96 -5.89
N ARG C 38 -0.86 -16.08 -6.65
CA ARG C 38 -1.59 -15.02 -7.32
C ARG C 38 -1.67 -15.22 -8.84
N GLN C 39 -2.62 -14.52 -9.46
CA GLN C 39 -2.79 -14.57 -10.90
C GLN C 39 -3.29 -13.23 -11.42
N ALA C 40 -2.39 -12.47 -12.04
CA ALA C 40 -2.75 -11.22 -12.68
C ALA C 40 -3.73 -11.54 -13.81
N PRO C 41 -4.58 -10.57 -14.19
CA PRO C 41 -5.65 -10.91 -15.14
C PRO C 41 -5.11 -11.35 -16.50
N GLY C 42 -5.62 -12.48 -16.99
CA GLY C 42 -5.19 -13.03 -18.27
C GLY C 42 -3.81 -13.64 -18.19
N GLN C 43 -3.27 -13.72 -16.98
CA GLN C 43 -1.87 -14.09 -16.80
C GLN C 43 -1.68 -15.39 -16.03
N GLY C 44 -0.41 -15.75 -15.83
CA GLY C 44 -0.05 -17.02 -15.24
C GLY C 44 -0.20 -17.07 -13.74
N LEU C 45 0.09 -18.23 -13.17
CA LEU C 45 0.05 -18.43 -11.72
C LEU C 45 1.40 -18.14 -11.11
N GLU C 46 1.40 -17.44 -9.98
CA GLU C 46 2.63 -17.02 -9.34
C GLU C 46 2.63 -17.35 -7.85
N TRP C 47 3.57 -18.18 -7.43
CA TRP C 47 3.70 -18.57 -6.03
C TRP C 47 4.31 -17.43 -5.22
N MET C 48 3.66 -17.07 -4.13
CA MET C 48 4.11 -15.96 -3.29
C MET C 48 4.86 -16.46 -2.06
N GLY C 49 4.44 -17.61 -1.54
CA GLY C 49 5.05 -18.12 -0.33
C GLY C 49 4.13 -19.02 0.47
N GLN C 50 4.59 -19.40 1.65
CA GLN C 50 3.89 -20.34 2.50
C GLN C 50 4.10 -20.02 3.96
N ILE C 51 3.20 -20.56 4.78
CA ILE C 51 3.23 -20.39 6.22
C ILE C 51 2.96 -21.73 6.92
N ASN C 52 3.72 -21.96 7.99
CA ASN C 52 3.52 -23.06 8.92
C ASN C 52 2.52 -22.57 9.96
N PRO C 53 1.29 -23.09 9.93
CA PRO C 53 0.25 -22.56 10.82
C PRO C 53 0.47 -22.92 12.29
N LYS C 54 1.31 -23.91 12.57
CA LYS C 54 1.58 -24.24 13.97
C LYS C 54 2.51 -23.17 14.58
N THR C 55 3.62 -22.93 13.90
CA THR C 55 4.70 -22.10 14.43
C THR C 55 4.62 -20.64 13.97
N GLY C 56 3.94 -20.41 12.86
CA GLY C 56 3.88 -19.07 12.29
C GLY C 56 5.06 -18.80 11.39
N GLY C 57 5.93 -19.81 11.27
CA GLY C 57 7.09 -19.72 10.41
C GLY C 57 6.70 -19.57 8.96
N THR C 58 7.46 -18.77 8.22
CA THR C 58 7.12 -18.42 6.84
C THR C 58 8.27 -18.55 5.86
N ASN C 59 7.93 -18.73 4.59
CA ASN C 59 8.92 -18.66 3.52
C ASN C 59 8.31 -17.93 2.33
N TYR C 60 8.96 -16.87 1.87
CA TYR C 60 8.43 -16.09 0.76
C TYR C 60 9.26 -16.31 -0.49
N ALA C 61 8.63 -16.13 -1.65
CA ALA C 61 9.38 -16.09 -2.89
C ALA C 61 10.24 -14.83 -2.83
N GLN C 62 11.41 -14.89 -3.47
CA GLN C 62 12.38 -13.80 -3.41
C GLN C 62 11.76 -12.44 -3.74
N LYS C 63 10.86 -12.46 -4.72
CA LYS C 63 10.21 -11.28 -5.25
C LYS C 63 9.55 -10.42 -4.17
N PHE C 64 9.19 -11.04 -3.06
CA PHE C 64 8.26 -10.43 -2.11
C PHE C 64 8.85 -10.11 -0.75
N GLN C 65 10.14 -10.38 -0.58
CA GLN C 65 10.80 -10.32 0.71
C GLN C 65 10.65 -8.98 1.41
N GLY C 66 10.74 -7.89 0.65
CA GLY C 66 10.56 -6.58 1.23
C GLY C 66 9.10 -6.24 1.45
N ARG C 67 8.20 -7.01 0.86
CA ARG C 67 6.81 -6.57 0.75
C ARG C 67 5.69 -7.43 1.34
N VAL C 68 5.97 -8.70 1.66
CA VAL C 68 4.89 -9.58 2.13
C VAL C 68 5.05 -10.03 3.59
N THR C 69 3.94 -10.02 4.32
CA THR C 69 3.88 -10.59 5.65
C THR C 69 2.79 -11.65 5.71
N MET C 70 3.16 -12.88 6.04
CA MET C 70 2.16 -13.93 6.21
C MET C 70 1.99 -14.26 7.68
N THR C 71 0.74 -14.27 8.14
CA THR C 71 0.48 -14.56 9.54
C THR C 71 -0.60 -15.60 9.66
N ARG C 72 -0.86 -16.04 10.89
CA ARG C 72 -1.98 -16.92 11.13
C ARG C 72 -2.58 -16.67 12.50
N ASP C 73 -3.89 -16.91 12.60
CA ASP C 73 -4.58 -16.91 13.87
C ASP C 73 -5.09 -18.32 14.03
N THR C 74 -4.48 -19.09 14.93
CA THR C 74 -4.79 -20.51 15.10
C THR C 74 -6.14 -20.71 15.77
N SER C 75 -6.45 -19.81 16.70
CA SER C 75 -7.75 -19.86 17.36
C SER C 75 -8.92 -19.68 16.39
N THR C 76 -8.71 -18.87 15.37
CA THR C 76 -9.64 -18.70 14.27
C THR C 76 -9.05 -19.19 13.00
N SER C 77 -8.46 -20.38 13.04
CA SER C 77 -7.90 -21.09 11.87
C SER C 77 -7.78 -20.28 10.57
N THR C 78 -7.26 -19.06 10.69
CA THR C 78 -7.21 -18.16 9.53
C THR C 78 -5.78 -17.82 9.17
N ALA C 79 -5.47 -17.91 7.89
CA ALA C 79 -4.17 -17.46 7.41
C ALA C 79 -4.33 -16.10 6.75
N TYR C 80 -3.37 -15.20 6.97
CA TYR C 80 -3.40 -13.88 6.37
C TYR C 80 -2.18 -13.63 5.49
N MET C 81 -2.42 -13.02 4.34
CA MET C 81 -1.33 -12.53 3.50
C MET C 81 -1.48 -11.01 3.34
N GLU C 82 -0.52 -10.27 3.87
CA GLU C 82 -0.49 -8.83 3.69
C GLU C 82 0.59 -8.43 2.70
N LEU C 83 0.17 -7.82 1.60
CA LEU C 83 1.10 -7.33 0.60
C LEU C 83 1.11 -5.80 0.64
N SER C 84 2.28 -5.23 0.91
CA SER C 84 2.45 -3.77 0.97
C SER C 84 3.17 -3.20 -0.24
N SER C 85 3.35 -1.87 -0.25
CA SER C 85 4.02 -1.18 -1.34
C SER C 85 3.39 -1.59 -2.66
N LEU C 86 2.07 -1.67 -2.69
CA LEU C 86 1.33 -2.13 -3.86
C LEU C 86 1.63 -1.31 -5.10
N ARG C 87 1.75 -1.99 -6.23
CA ARG C 87 1.81 -1.32 -7.52
C ARG C 87 0.83 -1.98 -8.50
N SER C 88 0.63 -1.34 -9.65
CA SER C 88 -0.33 -1.82 -10.64
C SER C 88 -0.17 -3.29 -11.02
N GLU C 89 1.08 -3.75 -11.03
CA GLU C 89 1.38 -5.12 -11.39
C GLU C 89 0.91 -6.12 -10.33
N ASP C 90 0.51 -5.62 -9.16
CA ASP C 90 -0.01 -6.46 -8.10
C ASP C 90 -1.50 -6.71 -8.28
N THR C 91 -2.10 -6.07 -9.28
CA THR C 91 -3.48 -6.35 -9.63
C THR C 91 -3.59 -7.81 -10.05
N ALA C 92 -4.28 -8.58 -9.23
CA ALA C 92 -4.36 -10.02 -9.44
C ALA C 92 -5.46 -10.61 -8.57
N ILE C 93 -5.83 -11.85 -8.89
CA ILE C 93 -6.66 -12.64 -8.00
C ILE C 93 -5.73 -13.39 -7.08
N TYR C 94 -5.98 -13.28 -5.78
CA TYR C 94 -5.15 -13.90 -4.78
C TYR C 94 -5.84 -15.12 -4.20
N TYR C 95 -5.17 -16.25 -4.36
CA TYR C 95 -5.65 -17.54 -3.87
C TYR C 95 -4.81 -17.95 -2.68
N CYS C 96 -5.45 -18.58 -1.70
CA CYS C 96 -4.73 -19.41 -0.77
C CYS C 96 -4.92 -20.83 -1.25
N ALA C 97 -3.95 -21.70 -0.97
CA ALA C 97 -4.05 -23.10 -1.34
C ALA C 97 -3.36 -23.95 -0.29
N ARG C 98 -4.02 -24.98 0.19
CA ARG C 98 -3.42 -25.83 1.23
C ARG C 98 -2.27 -26.65 0.66
N GLY C 99 -1.15 -26.67 1.39
CA GLY C 99 0.00 -27.45 1.00
C GLY C 99 -0.01 -28.80 1.69
N GLY C 100 1.14 -29.48 1.71
CA GLY C 100 1.23 -30.80 2.32
C GLY C 100 1.09 -30.77 3.83
N GLN C 101 1.07 -31.96 4.43
CA GLN C 101 1.08 -32.09 5.88
C GLN C 101 2.26 -31.35 6.48
N ARG C 102 2.07 -30.83 7.68
CA ARG C 102 3.18 -30.28 8.45
C ARG C 102 4.06 -31.43 8.97
N LEU C 103 5.05 -31.82 8.16
CA LEU C 103 5.99 -32.87 8.52
C LEU C 103 7.41 -32.34 8.39
N LEU C 104 8.37 -33.05 8.97
CA LEU C 104 9.77 -32.66 8.86
C LEU C 104 10.23 -32.77 7.40
N LEU C 105 9.58 -33.65 6.65
CA LEU C 105 9.79 -33.75 5.22
C LEU C 105 8.48 -33.80 4.47
N LEU C 106 8.33 -32.88 3.51
CA LEU C 106 7.15 -32.79 2.66
C LEU C 106 6.87 -34.11 1.92
N ARG C 107 5.66 -34.63 2.06
CA ARG C 107 5.27 -35.87 1.36
C ARG C 107 4.89 -35.59 -0.11
N ASN C 108 4.24 -34.46 -0.37
CA ASN C 108 4.01 -33.96 -1.72
C ASN C 108 4.01 -32.48 -1.79
N TYR C 109 3.95 -31.98 -3.02
CA TYR C 109 4.04 -30.55 -3.19
C TYR C 109 3.13 -30.06 -4.35
N TYR C 110 1.90 -30.54 -4.37
CA TYR C 110 0.88 -30.05 -5.28
C TYR C 110 -0.22 -29.39 -4.47
N PHE C 111 -1.10 -28.67 -5.14
CA PHE C 111 -2.20 -28.02 -4.46
C PHE C 111 -3.52 -28.62 -4.86
N TYR C 112 -4.19 -29.25 -3.90
CA TYR C 112 -5.48 -29.86 -4.19
C TYR C 112 -6.62 -28.92 -3.80
N TYR C 113 -6.52 -28.32 -2.62
CA TYR C 113 -7.55 -27.42 -2.14
C TYR C 113 -7.17 -25.96 -2.36
N TRP C 114 -8.03 -25.24 -3.08
CA TRP C 114 -7.82 -23.82 -3.34
C TRP C 114 -8.95 -23.01 -2.73
N GLY C 115 -8.62 -21.81 -2.26
CA GLY C 115 -9.64 -20.86 -1.85
C GLY C 115 -10.29 -20.31 -3.09
N GLN C 116 -11.37 -19.56 -2.93
CA GLN C 116 -12.11 -19.09 -4.10
C GLN C 116 -11.38 -17.97 -4.86
N GLY C 117 -10.33 -17.43 -4.26
CA GLY C 117 -9.59 -16.34 -4.88
C GLY C 117 -10.27 -15.00 -4.61
N VAL C 118 -9.47 -13.95 -4.52
CA VAL C 118 -9.99 -12.62 -4.19
C VAL C 118 -9.29 -11.54 -5.01
N LEU C 119 -10.07 -10.73 -5.70
CA LEU C 119 -9.49 -9.74 -6.61
C LEU C 119 -8.99 -8.50 -5.87
N VAL C 120 -7.69 -8.21 -6.01
CA VAL C 120 -7.15 -6.93 -5.57
C VAL C 120 -6.80 -6.12 -6.81
N THR C 121 -7.45 -4.96 -6.95
CA THR C 121 -7.14 -4.07 -8.06
C THR C 121 -6.36 -2.88 -7.54
N VAL C 122 -5.15 -2.69 -8.08
CA VAL C 122 -4.34 -1.55 -7.69
C VAL C 122 -4.33 -0.53 -8.81
N SER C 123 -4.69 0.71 -8.50
CA SER C 123 -4.76 1.75 -9.51
C SER C 123 -4.51 3.16 -8.97
N SER C 124 -3.90 3.99 -9.80
CA SER C 124 -3.62 5.37 -9.44
C SER C 124 -4.87 6.23 -9.55
N ALA C 125 -5.87 5.72 -10.27
CA ALA C 125 -7.12 6.42 -10.49
C ALA C 125 -7.85 6.67 -9.18
N SER C 126 -8.41 7.88 -9.06
CA SER C 126 -9.29 8.20 -7.96
C SER C 126 -10.70 7.88 -8.42
N THR C 127 -11.63 7.64 -7.50
CA THR C 127 -12.99 7.31 -7.91
C THR C 127 -13.62 8.52 -8.62
N LYS C 128 -14.28 8.26 -9.74
CA LYS C 128 -14.82 9.33 -10.56
C LYS C 128 -16.11 8.87 -11.21
N GLY C 129 -17.14 9.71 -11.13
CA GLY C 129 -18.42 9.41 -11.75
C GLY C 129 -18.33 9.61 -13.25
N PRO C 130 -19.16 8.89 -14.01
CA PRO C 130 -19.13 8.94 -15.47
C PRO C 130 -19.85 10.16 -16.05
N SER C 131 -19.45 10.57 -17.25
CA SER C 131 -20.23 11.47 -18.05
C SER C 131 -21.05 10.60 -18.97
N VAL C 132 -22.34 10.90 -19.11
CA VAL C 132 -23.19 10.05 -19.93
C VAL C 132 -23.69 10.77 -21.17
N PHE C 133 -23.42 10.16 -22.33
CA PHE C 133 -23.74 10.75 -23.61
C PHE C 133 -24.66 9.82 -24.39
N PRO C 134 -25.66 10.39 -25.05
CA PRO C 134 -26.53 9.56 -25.89
C PRO C 134 -25.80 9.04 -27.13
N LEU C 135 -26.08 7.79 -27.50
CA LEU C 135 -25.65 7.26 -28.79
C LEU C 135 -26.88 7.28 -29.72
N ALA C 136 -27.05 8.40 -30.42
CA ALA C 136 -28.27 8.69 -31.15
C ALA C 136 -28.60 7.64 -32.20
N PRO C 137 -29.90 7.34 -32.42
CA PRO C 137 -30.41 6.28 -33.29
C PRO C 137 -29.75 6.24 -34.67
N SER C 138 -29.50 7.42 -35.24
CA SER C 138 -28.69 7.54 -36.44
C SER C 138 -29.10 6.62 -37.60
N SER C 139 -30.08 7.02 -38.41
CA SER C 139 -30.55 6.16 -39.49
C SER C 139 -29.86 6.54 -40.76
N LYS C 140 -29.18 5.56 -41.32
CA LYS C 140 -28.22 5.72 -42.41
C LYS C 140 -27.16 4.69 -42.05
N SER C 141 -27.40 4.01 -40.94
CA SER C 141 -26.52 2.99 -40.43
C SER C 141 -27.30 1.96 -39.61
N THR C 142 -28.63 1.99 -39.74
CA THR C 142 -29.50 1.16 -38.93
C THR C 142 -29.49 -0.30 -39.35
N SER C 143 -30.42 -1.07 -38.82
CA SER C 143 -30.46 -2.50 -39.08
C SER C 143 -31.82 -2.97 -39.61
N GLY C 144 -32.55 -2.06 -40.25
CA GLY C 144 -33.75 -2.41 -41.00
C GLY C 144 -35.01 -2.69 -40.19
N GLY C 145 -35.16 -3.93 -39.74
CA GLY C 145 -36.26 -4.30 -38.89
C GLY C 145 -36.06 -3.64 -37.54
N THR C 146 -34.80 -3.41 -37.20
CA THR C 146 -34.48 -2.55 -36.07
C THR C 146 -33.39 -1.54 -36.41
N ALA C 147 -32.71 -1.09 -35.36
CA ALA C 147 -31.88 0.09 -35.41
C ALA C 147 -31.37 0.27 -33.99
N ALA C 148 -30.12 0.67 -33.85
CA ALA C 148 -29.52 0.83 -32.52
C ALA C 148 -29.60 2.26 -31.99
N LEU C 149 -29.68 2.36 -30.67
CA LEU C 149 -29.46 3.61 -29.95
C LEU C 149 -28.85 3.21 -28.62
N GLY C 150 -28.13 4.12 -27.97
CA GLY C 150 -27.55 3.76 -26.69
C GLY C 150 -27.06 4.88 -25.82
N CYS C 151 -26.29 4.51 -24.81
CA CYS C 151 -25.66 5.47 -23.93
C CYS C 151 -24.19 5.14 -23.75
N LEU C 152 -23.36 6.15 -23.94
CA LEU C 152 -21.94 6.03 -23.68
C LEU C 152 -21.67 6.49 -22.26
N VAL C 153 -21.17 5.57 -21.43
CA VAL C 153 -20.87 5.86 -20.04
C VAL C 153 -19.36 6.08 -19.94
N LYS C 154 -18.94 7.34 -19.94
CA LYS C 154 -17.53 7.66 -20.17
C LYS C 154 -16.73 8.07 -18.93
N ASP C 155 -15.49 7.60 -18.87
CA ASP C 155 -14.51 8.02 -17.87
C ASP C 155 -14.97 7.87 -16.42
N TYR C 156 -15.20 6.64 -15.99
CA TYR C 156 -15.48 6.42 -14.58
C TYR C 156 -14.45 5.50 -13.98
N PHE C 157 -14.36 5.51 -12.66
CA PHE C 157 -13.55 4.56 -11.92
C PHE C 157 -14.10 4.48 -10.50
N PRO C 158 -14.12 3.28 -9.92
CA PRO C 158 -13.76 1.98 -10.51
C PRO C 158 -14.99 1.26 -11.03
N GLU C 159 -14.80 0.01 -11.46
CA GLU C 159 -15.92 -0.86 -11.75
C GLU C 159 -16.69 -1.10 -10.45
N PRO C 160 -17.99 -1.38 -10.55
CA PRO C 160 -18.81 -1.52 -11.74
C PRO C 160 -19.76 -0.33 -11.94
N VAL C 161 -20.40 -0.29 -13.11
CA VAL C 161 -21.61 0.50 -13.24
C VAL C 161 -22.73 -0.38 -13.79
N THR C 162 -23.95 -0.04 -13.41
CA THR C 162 -25.11 -0.70 -13.94
C THR C 162 -25.85 0.27 -14.84
N VAL C 163 -26.41 -0.25 -15.93
CA VAL C 163 -27.24 0.56 -16.82
C VAL C 163 -28.60 -0.10 -16.94
N SER C 164 -29.65 0.70 -16.78
CA SER C 164 -30.99 0.24 -17.09
C SER C 164 -31.65 1.22 -18.06
N TRP C 165 -32.74 0.79 -18.67
CA TRP C 165 -33.43 1.59 -19.67
C TRP C 165 -34.88 1.77 -19.28
N ASN C 166 -35.36 3.02 -19.34
CA ASN C 166 -36.72 3.36 -18.93
C ASN C 166 -37.05 2.82 -17.54
N SER C 167 -36.11 3.02 -16.61
CA SER C 167 -36.27 2.57 -15.23
C SER C 167 -36.44 1.06 -15.11
N GLY C 168 -35.84 0.30 -16.02
CA GLY C 168 -35.87 -1.15 -15.96
C GLY C 168 -37.02 -1.77 -16.73
N ALA C 169 -37.92 -0.94 -17.20
CA ALA C 169 -39.06 -1.38 -18.01
C ALA C 169 -38.59 -2.05 -19.31
N LEU C 170 -37.58 -1.46 -19.95
CA LEU C 170 -36.99 -2.02 -21.17
C LEU C 170 -35.81 -2.93 -20.81
N THR C 171 -35.93 -4.21 -21.17
CA THR C 171 -34.89 -5.17 -20.89
C THR C 171 -34.52 -5.97 -22.15
N SER C 172 -35.52 -6.26 -22.97
CA SER C 172 -35.28 -6.99 -24.22
C SER C 172 -34.52 -6.13 -25.22
N GLY C 173 -33.52 -6.73 -25.87
CA GLY C 173 -32.75 -6.01 -26.86
C GLY C 173 -31.73 -5.07 -26.26
N VAL C 174 -31.50 -5.20 -24.95
CA VAL C 174 -30.48 -4.40 -24.29
C VAL C 174 -29.15 -5.14 -24.22
N HIS C 175 -28.08 -4.46 -24.61
CA HIS C 175 -26.74 -5.02 -24.57
C HIS C 175 -25.79 -4.02 -23.93
N THR C 176 -25.49 -4.23 -22.66
CA THR C 176 -24.53 -3.39 -21.95
C THR C 176 -23.14 -4.04 -22.03
N PHE C 177 -22.26 -3.45 -22.84
CA PHE C 177 -20.95 -4.01 -23.13
C PHE C 177 -19.98 -3.92 -21.97
N PRO C 178 -18.98 -4.83 -21.93
CA PRO C 178 -17.92 -4.75 -20.93
C PRO C 178 -17.13 -3.46 -21.09
N ALA C 179 -16.70 -2.90 -19.96
CA ALA C 179 -15.98 -1.65 -19.98
C ALA C 179 -14.65 -1.79 -20.68
N VAL C 180 -14.16 -0.69 -21.23
CA VAL C 180 -12.79 -0.60 -21.64
C VAL C 180 -12.03 0.09 -20.52
N LEU C 181 -10.86 -0.42 -20.18
CA LEU C 181 -9.99 0.27 -19.24
C LEU C 181 -9.01 1.10 -20.06
N GLN C 182 -9.13 2.42 -19.97
CA GLN C 182 -8.33 3.31 -20.79
C GLN C 182 -6.94 3.50 -20.22
N SER C 183 -6.01 3.95 -21.06
CA SER C 183 -4.63 4.19 -20.64
C SER C 183 -4.59 5.21 -19.50
N SER C 184 -5.61 6.06 -19.45
CA SER C 184 -5.76 7.05 -18.39
C SER C 184 -6.11 6.38 -17.07
N GLY C 185 -6.50 5.11 -17.13
CA GLY C 185 -6.87 4.38 -15.94
C GLY C 185 -8.35 4.50 -15.64
N LEU C 186 -9.07 5.17 -16.54
CA LEU C 186 -10.52 5.34 -16.40
C LEU C 186 -11.27 4.38 -17.30
N TYR C 187 -12.43 3.91 -16.81
CA TYR C 187 -13.26 3.01 -17.60
C TYR C 187 -14.31 3.76 -18.41
N SER C 188 -14.70 3.15 -19.53
CA SER C 188 -15.84 3.61 -20.31
C SER C 188 -16.57 2.38 -20.82
N LEU C 189 -17.90 2.45 -20.84
CA LEU C 189 -18.69 1.40 -21.45
C LEU C 189 -19.82 1.98 -22.29
N SER C 190 -20.44 1.13 -23.10
CA SER C 190 -21.60 1.53 -23.86
C SER C 190 -22.72 0.54 -23.59
N SER C 191 -23.93 1.05 -23.45
CA SER C 191 -25.13 0.22 -23.41
C SER C 191 -25.96 0.61 -24.61
N VAL C 192 -26.25 -0.35 -25.46
CA VAL C 192 -27.05 -0.10 -26.65
C VAL C 192 -28.34 -0.90 -26.49
N VAL C 193 -29.42 -0.43 -27.08
CA VAL C 193 -30.61 -1.25 -27.23
C VAL C 193 -31.11 -1.21 -28.67
N THR C 194 -31.43 -2.38 -29.22
CA THR C 194 -31.95 -2.47 -30.57
C THR C 194 -33.47 -2.35 -30.59
N VAL C 195 -33.98 -1.57 -31.53
CA VAL C 195 -35.35 -1.10 -31.49
C VAL C 195 -35.81 -0.87 -32.93
N PRO C 196 -37.07 -1.20 -33.25
CA PRO C 196 -37.50 -0.99 -34.65
C PRO C 196 -37.39 0.48 -35.07
N SER C 197 -37.09 0.73 -36.35
CA SER C 197 -36.92 2.09 -36.84
C SER C 197 -38.18 2.90 -36.63
N SER C 198 -39.34 2.22 -36.70
CA SER C 198 -40.62 2.89 -36.52
C SER C 198 -40.91 3.24 -35.06
N SER C 199 -40.13 2.67 -34.14
CA SER C 199 -40.30 2.92 -32.72
C SER C 199 -39.45 4.10 -32.22
N LEU C 200 -38.58 4.60 -33.08
CA LEU C 200 -37.62 5.65 -32.70
C LEU C 200 -38.26 6.91 -32.11
N GLY C 201 -39.39 7.34 -32.67
CA GLY C 201 -40.00 8.59 -32.26
C GLY C 201 -41.35 8.49 -31.60
N THR C 202 -41.79 7.28 -31.29
CA THR C 202 -43.14 7.05 -30.76
C THR C 202 -43.20 7.06 -29.23
N GLN C 203 -42.04 7.02 -28.59
CA GLN C 203 -41.96 7.10 -27.14
C GLN C 203 -40.56 7.54 -26.77
N THR C 204 -40.28 7.64 -25.48
CA THR C 204 -38.97 8.06 -25.03
C THR C 204 -38.05 6.90 -24.71
N TYR C 205 -36.75 7.17 -24.76
CA TYR C 205 -35.75 6.20 -24.33
C TYR C 205 -34.78 6.88 -23.38
N ILE C 206 -34.77 6.39 -22.16
CA ILE C 206 -33.98 6.99 -21.10
C ILE C 206 -33.09 5.93 -20.47
N CYS C 207 -31.78 6.10 -20.60
CA CYS C 207 -30.86 5.20 -19.93
C CYS C 207 -30.60 5.70 -18.52
N ASN C 208 -30.73 4.80 -17.56
CA ASN C 208 -30.47 5.13 -16.17
C ASN C 208 -29.14 4.53 -15.76
N VAL C 209 -28.14 5.39 -15.55
CA VAL C 209 -26.80 4.91 -15.23
C VAL C 209 -26.46 5.10 -13.76
N ASN C 210 -25.93 4.04 -13.15
CA ASN C 210 -25.65 4.00 -11.73
C ASN C 210 -24.20 3.61 -11.49
N HIS C 211 -23.46 4.49 -10.83
CA HIS C 211 -22.10 4.17 -10.42
C HIS C 211 -22.03 4.27 -8.91
N LYS C 212 -22.23 3.14 -8.24
CA LYS C 212 -22.13 3.07 -6.78
C LYS C 212 -20.91 3.78 -6.19
N PRO C 213 -19.69 3.41 -6.64
CA PRO C 213 -18.49 3.92 -5.95
C PRO C 213 -18.37 5.45 -5.92
N SER C 214 -19.12 6.13 -6.78
CA SER C 214 -19.10 7.59 -6.81
C SER C 214 -20.49 8.15 -6.50
N ASN C 215 -21.42 7.28 -6.15
CA ASN C 215 -22.84 7.62 -5.97
C ASN C 215 -23.43 8.52 -7.08
N THR C 216 -22.97 8.29 -8.31
CA THR C 216 -23.52 8.99 -9.45
C THR C 216 -24.80 8.31 -9.95
N LYS C 217 -25.84 9.12 -10.11
CA LYS C 217 -27.06 8.66 -10.74
C LYS C 217 -27.44 9.62 -11.86
N VAL C 218 -27.52 9.08 -13.07
CA VAL C 218 -27.81 9.89 -14.24
C VAL C 218 -28.86 9.21 -15.11
N ASP C 219 -29.89 9.98 -15.44
CA ASP C 219 -30.83 9.58 -16.45
C ASP C 219 -30.54 10.38 -17.71
N LYS C 220 -30.37 9.69 -18.83
CA LYS C 220 -30.10 10.36 -20.10
C LYS C 220 -31.12 9.98 -21.15
N ARG C 221 -31.79 10.98 -21.71
CA ARG C 221 -32.77 10.73 -22.77
C ARG C 221 -32.06 10.64 -24.12
N VAL C 222 -32.41 9.62 -24.90
CA VAL C 222 -31.80 9.41 -26.20
C VAL C 222 -32.82 9.65 -27.30
N GLU C 223 -32.64 10.74 -28.05
CA GLU C 223 -33.57 11.17 -29.08
C GLU C 223 -33.03 10.87 -30.48
N PRO C 224 -33.93 10.76 -31.47
CA PRO C 224 -33.49 10.60 -32.86
C PRO C 224 -32.95 11.90 -33.44
N GLN D 1 8.57 -14.39 -16.82
CA GLN D 1 8.00 -14.43 -15.48
C GLN D 1 8.01 -15.85 -14.93
N SER D 2 7.75 -16.83 -15.80
CA SER D 2 7.57 -18.22 -15.40
C SER D 2 8.72 -19.14 -15.83
N VAL D 3 9.21 -19.92 -14.88
CA VAL D 3 10.44 -20.68 -15.03
C VAL D 3 10.28 -21.98 -15.84
N LEU D 4 9.04 -22.46 -15.94
CA LEU D 4 8.76 -23.60 -16.81
C LEU D 4 8.14 -23.10 -18.12
N THR D 5 8.57 -23.66 -19.24
CA THR D 5 8.06 -23.23 -20.54
C THR D 5 6.93 -24.13 -21.04
N GLN D 6 5.81 -23.50 -21.41
CA GLN D 6 4.73 -24.19 -22.09
C GLN D 6 4.43 -23.41 -23.36
N PRO D 7 3.93 -24.10 -24.40
CA PRO D 7 3.40 -23.36 -25.54
C PRO D 7 2.21 -22.54 -25.08
N PRO D 8 2.08 -21.29 -25.56
CA PRO D 8 0.96 -20.44 -25.17
C PRO D 8 -0.41 -21.02 -25.55
N SER D 9 -0.48 -21.76 -26.65
CA SER D 9 -1.75 -22.32 -27.12
C SER D 9 -1.60 -23.64 -27.88
N VAL D 10 -2.63 -24.47 -27.82
CA VAL D 10 -2.78 -25.66 -28.66
C VAL D 10 -4.26 -25.85 -28.96
N SER D 11 -4.56 -26.59 -30.01
CA SER D 11 -5.96 -26.76 -30.42
C SER D 11 -6.23 -28.13 -31.02
N GLY D 12 -7.50 -28.49 -31.13
CA GLY D 12 -7.81 -29.76 -31.76
C GLY D 12 -9.26 -30.05 -32.08
N ALA D 13 -9.49 -30.96 -33.01
CA ALA D 13 -10.84 -31.40 -33.33
C ALA D 13 -11.31 -32.31 -32.21
N PRO D 14 -12.63 -32.31 -31.96
CA PRO D 14 -13.20 -33.26 -31.02
C PRO D 14 -12.86 -34.69 -31.40
N GLY D 15 -12.50 -35.51 -30.42
CA GLY D 15 -12.20 -36.91 -30.69
C GLY D 15 -10.72 -37.24 -30.85
N GLN D 16 -9.91 -36.26 -31.25
CA GLN D 16 -8.48 -36.50 -31.43
C GLN D 16 -7.67 -36.23 -30.16
N LYS D 17 -6.35 -36.42 -30.26
CA LYS D 17 -5.45 -36.24 -29.13
C LYS D 17 -4.61 -34.97 -29.25
N VAL D 18 -4.25 -34.39 -28.10
CA VAL D 18 -3.28 -33.30 -28.05
C VAL D 18 -2.27 -33.56 -26.95
N THR D 19 -1.06 -33.04 -27.12
CA THR D 19 -0.09 -33.05 -26.04
C THR D 19 0.36 -31.63 -25.70
N ILE D 20 0.59 -31.39 -24.42
CA ILE D 20 1.07 -30.10 -23.97
C ILE D 20 2.45 -30.23 -23.31
N SER D 21 3.39 -29.45 -23.83
CA SER D 21 4.78 -29.50 -23.41
C SER D 21 5.07 -28.60 -22.21
N CYS D 22 5.98 -29.03 -21.35
CA CYS D 22 6.41 -28.24 -20.21
C CYS D 22 7.88 -28.47 -19.87
N THR D 23 8.76 -27.56 -20.28
CA THR D 23 10.19 -27.77 -20.09
C THR D 23 10.82 -26.82 -19.07
N GLY D 24 11.89 -27.28 -18.41
CA GLY D 24 12.61 -26.47 -17.44
C GLY D 24 13.82 -27.20 -16.90
N SER D 25 14.87 -26.44 -16.58
CA SER D 25 16.20 -26.99 -16.25
C SER D 25 16.29 -28.04 -15.12
N SER D 26 17.53 -28.44 -14.84
CA SER D 26 17.83 -29.50 -13.87
C SER D 26 17.44 -29.12 -12.45
N SER D 27 17.43 -27.81 -12.20
CA SER D 27 17.08 -27.27 -10.88
C SER D 27 15.60 -27.49 -10.53
N ASN D 28 14.80 -27.93 -11.48
CA ASN D 28 13.40 -28.19 -11.21
C ASN D 28 12.88 -29.56 -11.69
N ILE D 29 12.59 -29.69 -12.98
CA ILE D 29 12.03 -30.94 -13.51
C ILE D 29 13.03 -32.09 -13.45
N GLY D 30 14.30 -31.77 -13.65
CA GLY D 30 15.36 -32.77 -13.58
C GLY D 30 15.48 -33.37 -12.19
N GLY D 31 14.99 -32.66 -11.18
CA GLY D 31 15.13 -33.10 -9.82
C GLY D 31 13.84 -33.37 -9.06
N TYR D 32 12.72 -32.86 -9.57
CA TYR D 32 11.47 -32.95 -8.84
C TYR D 32 10.26 -33.26 -9.72
N ASP D 33 9.18 -33.71 -9.09
CA ASP D 33 7.98 -34.12 -9.80
C ASP D 33 7.21 -32.94 -10.41
N VAL D 34 6.47 -33.24 -11.48
CA VAL D 34 5.64 -32.24 -12.14
C VAL D 34 4.16 -32.51 -11.86
N HIS D 35 3.42 -31.46 -11.55
CA HIS D 35 1.98 -31.55 -11.41
C HIS D 35 1.28 -30.65 -12.43
N TRP D 36 0.02 -30.95 -12.72
CA TRP D 36 -0.76 -30.24 -13.73
C TRP D 36 -2.11 -29.80 -13.23
N TYR D 37 -2.48 -28.58 -13.59
CA TYR D 37 -3.74 -27.99 -13.21
C TYR D 37 -4.54 -27.59 -14.43
N GLN D 38 -5.86 -27.75 -14.33
CA GLN D 38 -6.78 -27.28 -15.35
C GLN D 38 -7.56 -26.12 -14.77
N GLN D 39 -7.50 -24.97 -15.43
CA GLN D 39 -8.23 -23.80 -14.99
C GLN D 39 -9.27 -23.39 -16.03
N LEU D 40 -10.53 -23.59 -15.67
CA LEU D 40 -11.66 -23.13 -16.48
C LEU D 40 -11.93 -21.67 -16.16
N PRO D 41 -12.52 -20.92 -17.11
CA PRO D 41 -12.85 -19.50 -16.94
C PRO D 41 -13.58 -19.19 -15.64
N GLY D 42 -12.99 -18.32 -14.83
CA GLY D 42 -13.63 -17.86 -13.61
C GLY D 42 -13.55 -18.85 -12.47
N MET D 43 -12.78 -19.92 -12.69
CA MET D 43 -12.59 -20.94 -11.66
C MET D 43 -11.19 -20.85 -11.05
N ALA D 44 -11.00 -21.45 -9.89
CA ALA D 44 -9.66 -21.66 -9.35
C ALA D 44 -9.02 -22.75 -10.19
N PRO D 45 -7.68 -22.87 -10.13
CA PRO D 45 -7.07 -24.01 -10.81
C PRO D 45 -7.50 -25.31 -10.16
N LYS D 46 -7.64 -26.36 -10.96
CA LYS D 46 -8.03 -27.67 -10.46
C LYS D 46 -6.87 -28.63 -10.68
N LEU D 47 -6.46 -29.34 -9.63
CA LEU D 47 -5.39 -30.33 -9.78
C LEU D 47 -5.84 -31.39 -10.77
N LEU D 48 -5.01 -31.64 -11.79
CA LEU D 48 -5.38 -32.51 -12.90
C LEU D 48 -4.48 -33.73 -12.93
N ILE D 49 -3.18 -33.48 -12.76
CA ILE D 49 -2.21 -34.57 -12.69
C ILE D 49 -1.28 -34.31 -11.52
N TYR D 50 -0.91 -35.35 -10.77
CA TYR D 50 0.09 -35.16 -9.72
C TYR D 50 1.13 -36.26 -9.72
N ASP D 51 2.33 -35.89 -9.26
CA ASP D 51 3.48 -36.79 -9.21
C ASP D 51 3.75 -37.42 -10.57
N ASN D 52 3.95 -36.57 -11.56
CA ASN D 52 4.24 -36.98 -12.93
C ASN D 52 3.08 -37.64 -13.70
N ASN D 53 2.39 -38.59 -13.07
CA ASN D 53 1.45 -39.41 -13.84
C ASN D 53 0.19 -39.91 -13.12
N GLU D 54 -0.04 -39.41 -11.91
CA GLU D 54 -1.21 -39.85 -11.14
C GLU D 54 -2.39 -38.92 -11.39
N ARG D 55 -3.60 -39.49 -11.33
CA ARG D 55 -4.83 -38.72 -11.49
C ARG D 55 -5.55 -38.64 -10.16
N PRO D 56 -6.06 -37.45 -9.81
CA PRO D 56 -6.93 -37.34 -8.64
C PRO D 56 -8.27 -38.02 -8.88
N SER D 57 -9.05 -38.14 -7.82
CA SER D 57 -10.43 -38.62 -7.89
C SER D 57 -11.22 -37.86 -8.96
N GLY D 58 -11.86 -38.59 -9.85
CA GLY D 58 -12.80 -37.99 -10.79
C GLY D 58 -12.23 -37.44 -12.08
N ILE D 59 -10.91 -37.37 -12.18
CA ILE D 59 -10.28 -36.93 -13.41
C ILE D 59 -10.28 -38.05 -14.46
N SER D 60 -10.84 -37.76 -15.62
CA SER D 60 -10.99 -38.72 -16.71
C SER D 60 -9.67 -39.38 -17.11
N ASP D 61 -9.74 -40.63 -17.56
CA ASP D 61 -8.54 -41.35 -17.98
C ASP D 61 -8.04 -40.83 -19.33
N ARG D 62 -8.75 -39.87 -19.90
CA ARG D 62 -8.35 -39.20 -21.13
C ARG D 62 -7.17 -38.28 -20.85
N PHE D 63 -6.84 -38.10 -19.57
CA PHE D 63 -5.70 -37.30 -19.18
C PHE D 63 -4.59 -38.17 -18.63
N SER D 64 -3.39 -38.03 -19.19
CA SER D 64 -2.23 -38.78 -18.71
C SER D 64 -1.02 -37.87 -18.63
N GLY D 65 -0.09 -38.19 -17.74
CA GLY D 65 1.10 -37.38 -17.61
C GLY D 65 2.40 -38.16 -17.77
N SER D 66 3.45 -37.46 -18.18
CA SER D 66 4.76 -38.10 -18.26
C SER D 66 5.88 -37.13 -17.89
N LYS D 67 6.93 -37.66 -17.29
CA LYS D 67 8.09 -36.88 -16.95
C LYS D 67 9.33 -37.53 -17.56
N SER D 68 10.12 -36.74 -18.27
CA SER D 68 11.35 -37.22 -18.89
C SER D 68 12.42 -36.13 -18.89
N ALA D 69 13.57 -36.45 -18.32
CA ALA D 69 14.67 -35.51 -18.14
C ALA D 69 14.23 -34.21 -17.47
N THR D 70 14.17 -33.15 -18.27
CA THR D 70 13.86 -31.84 -17.76
C THR D 70 12.59 -31.28 -18.38
N SER D 71 11.78 -32.17 -18.93
CA SER D 71 10.46 -31.78 -19.41
C SER D 71 9.39 -32.76 -18.95
N ALA D 72 8.17 -32.26 -18.84
CA ALA D 72 7.00 -33.06 -18.60
C ALA D 72 6.06 -32.82 -19.77
N SER D 73 5.12 -33.75 -19.95
CA SER D 73 4.11 -33.61 -20.96
C SER D 73 2.77 -34.10 -20.45
N LEU D 74 1.72 -33.45 -20.93
CA LEU D 74 0.36 -33.84 -20.61
C LEU D 74 -0.33 -34.31 -21.89
N ALA D 75 -0.81 -35.55 -21.88
CA ALA D 75 -1.51 -36.10 -23.04
C ALA D 75 -3.02 -36.14 -22.78
N ILE D 76 -3.77 -35.65 -23.76
CA ILE D 76 -5.23 -35.64 -23.68
C ILE D 76 -5.84 -36.31 -24.91
N THR D 77 -6.48 -37.46 -24.71
CA THR D 77 -7.15 -38.16 -25.79
C THR D 77 -8.65 -37.85 -25.80
N GLY D 78 -9.32 -38.19 -26.91
CA GLY D 78 -10.75 -38.03 -27.04
C GLY D 78 -11.23 -36.64 -26.72
N LEU D 79 -10.66 -35.66 -27.41
CA LEU D 79 -10.89 -34.25 -27.15
C LEU D 79 -12.37 -33.86 -27.08
N GLN D 80 -12.71 -33.08 -26.05
CA GLN D 80 -14.08 -32.65 -25.84
C GLN D 80 -14.12 -31.14 -25.69
N THR D 81 -15.24 -30.54 -26.08
CA THR D 81 -15.44 -29.10 -25.92
C THR D 81 -15.13 -28.68 -24.50
N GLU D 82 -15.53 -29.52 -23.54
CA GLU D 82 -15.35 -29.23 -22.12
C GLU D 82 -13.90 -29.12 -21.70
N ASP D 83 -12.97 -29.57 -22.54
CA ASP D 83 -11.56 -29.53 -22.22
C ASP D 83 -10.97 -28.15 -22.44
N GLU D 84 -11.76 -27.28 -23.07
CA GLU D 84 -11.40 -25.89 -23.29
C GLU D 84 -11.07 -25.22 -21.96
N ALA D 85 -9.79 -24.93 -21.76
CA ALA D 85 -9.30 -24.39 -20.50
C ALA D 85 -7.85 -23.94 -20.61
N ASP D 86 -7.32 -23.36 -19.54
CA ASP D 86 -5.89 -23.08 -19.46
C ASP D 86 -5.22 -24.17 -18.65
N TYR D 87 -4.13 -24.72 -19.15
CA TYR D 87 -3.44 -25.79 -18.44
C TYR D 87 -2.09 -25.32 -17.95
N TYR D 88 -1.79 -25.65 -16.70
CA TYR D 88 -0.55 -25.20 -16.08
C TYR D 88 0.25 -26.38 -15.57
N CYS D 89 1.54 -26.41 -15.86
CA CYS D 89 2.41 -27.34 -15.17
C CYS D 89 3.00 -26.66 -13.95
N GLN D 90 3.45 -27.46 -12.99
CA GLN D 90 3.96 -26.95 -11.74
C GLN D 90 4.96 -27.93 -11.15
N SER D 91 6.02 -27.39 -10.56
CA SER D 91 7.00 -28.21 -9.89
C SER D 91 7.62 -27.38 -8.78
N TYR D 92 8.77 -27.83 -8.31
CA TYR D 92 9.54 -27.06 -7.34
C TYR D 92 10.92 -26.83 -7.91
N ASP D 93 11.47 -25.65 -7.67
CA ASP D 93 12.80 -25.32 -8.15
C ASP D 93 13.76 -25.13 -6.97
N SER D 94 14.78 -25.97 -6.90
CA SER D 94 15.73 -25.92 -5.79
C SER D 94 16.67 -24.71 -5.86
N SER D 95 16.81 -24.13 -7.04
CA SER D 95 17.60 -22.91 -7.18
C SER D 95 16.85 -21.71 -6.58
N LEU D 96 15.58 -21.55 -6.96
CA LEU D 96 14.75 -20.45 -6.47
C LEU D 96 14.29 -20.70 -5.05
N ASN D 97 14.35 -21.96 -4.68
CA ASN D 97 13.68 -22.46 -3.47
C ASN D 97 12.23 -22.02 -3.47
N ALA D 98 11.54 -22.30 -4.57
CA ALA D 98 10.18 -21.82 -4.77
C ALA D 98 9.38 -22.87 -5.55
N TRP D 99 8.10 -22.99 -5.21
CA TRP D 99 7.15 -23.67 -6.09
C TRP D 99 7.15 -22.86 -7.36
N VAL D 100 7.25 -23.51 -8.51
CA VAL D 100 7.26 -22.78 -9.77
C VAL D 100 6.21 -23.31 -10.76
N PHE D 101 5.65 -22.39 -11.54
CA PHE D 101 4.62 -22.74 -12.50
C PHE D 101 5.09 -22.55 -13.93
N GLY D 102 4.37 -23.17 -14.86
CA GLY D 102 4.52 -22.88 -16.27
C GLY D 102 3.67 -21.65 -16.60
N GLY D 103 3.93 -21.05 -17.75
CA GLY D 103 3.23 -19.84 -18.14
C GLY D 103 1.78 -20.06 -18.53
N GLY D 104 1.42 -21.33 -18.70
CA GLY D 104 0.06 -21.69 -19.07
C GLY D 104 -0.11 -21.93 -20.56
N THR D 105 -1.02 -22.84 -20.89
CA THR D 105 -1.31 -23.18 -22.28
C THR D 105 -2.80 -23.13 -22.52
N ARG D 106 -3.25 -22.31 -23.46
CA ARG D 106 -4.68 -22.25 -23.74
C ARG D 106 -5.06 -23.32 -24.75
N LEU D 107 -6.03 -24.16 -24.39
CA LEU D 107 -6.47 -25.22 -25.26
C LEU D 107 -7.78 -24.83 -25.93
N THR D 108 -7.80 -24.81 -27.26
CA THR D 108 -9.05 -24.57 -27.94
C THR D 108 -9.55 -25.82 -28.63
N VAL D 109 -10.79 -26.18 -28.34
CA VAL D 109 -11.40 -27.38 -28.93
C VAL D 109 -11.75 -27.14 -30.40
N LEU D 110 -10.75 -27.26 -31.26
CA LEU D 110 -10.95 -27.06 -32.70
C LEU D 110 -12.16 -27.84 -33.20
N GLY D 111 -13.38 -27.40 -32.85
CA GLY D 111 -14.60 -28.09 -33.19
C GLY D 111 -15.83 -27.43 -32.61
N GLN D 112 -16.03 -26.16 -32.96
CA GLN D 112 -17.17 -25.42 -32.47
C GLN D 112 -17.57 -24.66 -33.72
N PRO D 113 -18.79 -24.13 -33.79
CA PRO D 113 -19.18 -23.56 -35.09
C PRO D 113 -18.49 -22.23 -35.43
N LYS D 114 -19.28 -21.24 -35.84
CA LYS D 114 -18.73 -19.95 -36.29
C LYS D 114 -19.78 -18.85 -36.48
N ALA D 115 -19.59 -17.72 -35.80
CA ALA D 115 -20.51 -16.58 -35.94
C ALA D 115 -19.80 -15.28 -36.29
N ALA D 116 -20.25 -14.62 -37.35
CA ALA D 116 -19.70 -13.34 -37.76
C ALA D 116 -20.21 -12.25 -36.83
N PRO D 117 -19.39 -11.22 -36.59
CA PRO D 117 -19.79 -10.19 -35.62
C PRO D 117 -20.77 -9.17 -36.19
N SER D 118 -21.68 -8.72 -35.35
CA SER D 118 -22.48 -7.55 -35.68
C SER D 118 -21.68 -6.32 -35.30
N VAL D 119 -21.60 -5.35 -36.21
CA VAL D 119 -20.85 -4.14 -35.93
C VAL D 119 -21.74 -2.90 -35.93
N THR D 120 -21.67 -2.15 -34.84
CA THR D 120 -22.36 -0.87 -34.75
C THR D 120 -21.37 0.25 -34.46
N LEU D 121 -21.35 1.25 -35.35
CA LEU D 121 -20.49 2.40 -35.16
C LEU D 121 -21.29 3.67 -34.87
N PHE D 122 -20.97 4.32 -33.75
CA PHE D 122 -21.61 5.57 -33.38
C PHE D 122 -20.64 6.74 -33.51
N PRO D 123 -21.12 7.86 -34.07
CA PRO D 123 -20.35 9.10 -34.13
C PRO D 123 -20.37 9.79 -32.76
N PRO D 124 -19.51 10.79 -32.55
CA PRO D 124 -19.57 11.58 -31.32
C PRO D 124 -20.93 12.25 -31.21
N SER D 125 -21.49 12.36 -30.01
CA SER D 125 -22.77 13.04 -29.85
C SER D 125 -22.54 14.55 -29.79
N SER D 126 -23.61 15.32 -30.02
CA SER D 126 -23.53 16.77 -29.94
C SER D 126 -23.03 17.23 -28.58
N GLU D 127 -23.51 16.57 -27.53
CA GLU D 127 -23.12 16.90 -26.16
C GLU D 127 -21.63 16.72 -25.89
N GLU D 128 -21.08 15.61 -26.36
CA GLU D 128 -19.66 15.34 -26.12
C GLU D 128 -18.78 16.32 -26.89
N LEU D 129 -19.19 16.60 -28.12
CA LEU D 129 -18.52 17.60 -28.94
C LEU D 129 -18.59 18.96 -28.26
N GLN D 130 -19.68 19.18 -27.55
CA GLN D 130 -19.94 20.41 -26.82
C GLN D 130 -19.01 20.56 -25.62
N ALA D 131 -18.73 19.45 -24.95
CA ALA D 131 -17.77 19.42 -23.85
C ALA D 131 -16.36 19.24 -24.41
N ASN D 132 -16.22 19.53 -25.70
CA ASN D 132 -14.95 19.58 -26.40
C ASN D 132 -14.21 18.25 -26.48
N LYS D 133 -14.96 17.16 -26.59
CA LYS D 133 -14.38 15.84 -26.76
C LYS D 133 -15.11 15.11 -27.88
N ALA D 134 -14.54 14.02 -28.36
CA ALA D 134 -15.18 13.23 -29.40
C ALA D 134 -14.76 11.77 -29.28
N THR D 135 -15.75 10.88 -29.16
CA THR D 135 -15.45 9.46 -29.08
C THR D 135 -16.29 8.70 -30.09
N LEU D 136 -15.62 7.99 -30.98
CA LEU D 136 -16.32 7.07 -31.86
C LEU D 136 -16.43 5.75 -31.14
N VAL D 137 -17.59 5.12 -31.22
CA VAL D 137 -17.83 3.88 -30.52
C VAL D 137 -18.13 2.77 -31.49
N CYS D 138 -17.23 1.80 -31.57
CA CYS D 138 -17.45 0.63 -32.42
C CYS D 138 -17.82 -0.56 -31.56
N LEU D 139 -19.08 -1.01 -31.69
CA LEU D 139 -19.56 -2.13 -30.90
C LEU D 139 -19.63 -3.39 -31.75
N ILE D 140 -19.01 -4.45 -31.23
CA ILE D 140 -18.87 -5.71 -31.94
C ILE D 140 -19.43 -6.82 -31.08
N SER D 141 -20.40 -7.56 -31.61
CA SER D 141 -21.05 -8.57 -30.79
C SER D 141 -21.49 -9.81 -31.55
N ASP D 142 -21.82 -10.85 -30.78
CA ASP D 142 -22.35 -12.10 -31.32
C ASP D 142 -21.41 -12.77 -32.31
N PHE D 143 -20.11 -12.72 -32.01
CA PHE D 143 -19.14 -13.44 -32.82
C PHE D 143 -18.58 -14.65 -32.10
N TYR D 144 -18.14 -15.61 -32.91
CA TYR D 144 -17.52 -16.83 -32.41
C TYR D 144 -16.66 -17.41 -33.52
N PRO D 145 -15.43 -17.84 -33.17
CA PRO D 145 -14.78 -17.78 -31.86
C PRO D 145 -14.41 -16.36 -31.44
N GLY D 146 -14.00 -16.20 -30.19
CA GLY D 146 -13.76 -14.89 -29.62
C GLY D 146 -12.44 -14.26 -30.01
N ALA D 147 -12.19 -14.17 -31.31
CA ALA D 147 -11.02 -13.44 -31.82
C ALA D 147 -11.42 -12.49 -32.95
N VAL D 148 -11.19 -11.20 -32.73
CA VAL D 148 -11.39 -10.22 -33.78
C VAL D 148 -10.24 -9.23 -33.75
N THR D 149 -9.88 -8.70 -34.90
CA THR D 149 -9.05 -7.51 -34.91
C THR D 149 -9.80 -6.32 -35.46
N VAL D 150 -9.72 -5.23 -34.72
CA VAL D 150 -10.31 -3.96 -35.10
C VAL D 150 -9.26 -3.13 -35.82
N ALA D 151 -9.65 -2.52 -36.92
CA ALA D 151 -8.81 -1.52 -37.58
C ALA D 151 -9.65 -0.27 -37.83
N TRP D 152 -9.11 0.88 -37.45
CA TRP D 152 -9.78 2.15 -37.70
C TRP D 152 -9.12 2.90 -38.85
N LYS D 153 -9.92 3.63 -39.62
CA LYS D 153 -9.37 4.50 -40.66
C LYS D 153 -9.88 5.93 -40.53
N ALA D 154 -9.00 6.90 -40.81
CA ALA D 154 -9.43 8.26 -41.05
C ALA D 154 -9.40 8.47 -42.55
N ASP D 155 -10.57 8.62 -43.13
CA ASP D 155 -10.74 8.57 -44.58
C ASP D 155 -10.27 7.21 -45.09
N SER D 156 -9.10 7.16 -45.72
CA SER D 156 -8.59 5.89 -46.25
C SER D 156 -7.27 5.51 -45.59
N SER D 157 -6.84 6.30 -44.63
CA SER D 157 -5.56 6.07 -43.95
C SER D 157 -5.80 5.53 -42.54
N PRO D 158 -5.12 4.44 -42.18
CA PRO D 158 -5.27 3.86 -40.85
C PRO D 158 -4.91 4.82 -39.72
N VAL D 159 -5.67 4.76 -38.63
CA VAL D 159 -5.33 5.49 -37.42
C VAL D 159 -4.95 4.46 -36.35
N LYS D 160 -3.84 4.69 -35.68
CA LYS D 160 -3.44 3.82 -34.57
C LYS D 160 -3.70 4.53 -33.26
N ALA D 161 -3.41 5.83 -33.25
CA ALA D 161 -3.49 6.63 -32.04
C ALA D 161 -4.91 6.86 -31.58
N GLY D 162 -5.12 6.77 -30.27
CA GLY D 162 -6.42 7.04 -29.69
C GLY D 162 -7.36 5.87 -29.72
N VAL D 163 -6.91 4.74 -30.27
CA VAL D 163 -7.71 3.53 -30.31
C VAL D 163 -7.61 2.76 -29.00
N GLU D 164 -8.75 2.44 -28.42
CA GLU D 164 -8.79 1.61 -27.22
C GLU D 164 -9.77 0.46 -27.44
N THR D 165 -9.25 -0.76 -27.49
CA THR D 165 -10.07 -1.93 -27.79
C THR D 165 -10.06 -2.94 -26.65
N THR D 166 -11.24 -3.35 -26.21
CA THR D 166 -11.34 -4.37 -25.18
C THR D 166 -10.92 -5.72 -25.73
N THR D 167 -10.58 -6.63 -24.83
CA THR D 167 -10.41 -8.03 -25.18
C THR D 167 -11.82 -8.60 -25.28
N PRO D 168 -12.01 -9.61 -26.13
CA PRO D 168 -13.36 -10.21 -26.23
C PRO D 168 -13.74 -10.88 -24.92
N SER D 169 -15.01 -10.75 -24.54
CA SER D 169 -15.52 -11.40 -23.34
C SER D 169 -16.81 -12.14 -23.67
N LYS D 170 -16.93 -13.35 -23.14
CA LYS D 170 -18.07 -14.22 -23.46
C LYS D 170 -19.37 -13.69 -22.85
N GLN D 171 -20.36 -13.49 -23.71
CA GLN D 171 -21.68 -13.03 -23.28
C GLN D 171 -22.43 -14.16 -22.57
N SER D 172 -23.69 -13.90 -22.22
CA SER D 172 -24.51 -14.92 -21.59
C SER D 172 -24.96 -15.98 -22.59
N ASN D 173 -25.05 -15.61 -23.87
CA ASN D 173 -25.52 -16.54 -24.89
C ASN D 173 -24.39 -17.33 -25.57
N ASN D 174 -23.23 -17.34 -24.92
CA ASN D 174 -22.05 -18.10 -25.36
C ASN D 174 -21.29 -17.56 -26.57
N LYS D 175 -21.77 -16.46 -27.15
CA LYS D 175 -21.03 -15.77 -28.20
C LYS D 175 -20.28 -14.61 -27.55
N TYR D 176 -19.38 -13.96 -28.29
CA TYR D 176 -18.51 -12.96 -27.68
C TYR D 176 -18.88 -11.51 -28.00
N ALA D 177 -18.49 -10.62 -27.11
CA ALA D 177 -18.64 -9.18 -27.34
C ALA D 177 -17.29 -8.48 -27.22
N ALA D 178 -17.16 -7.38 -27.95
CA ALA D 178 -15.97 -6.54 -27.89
C ALA D 178 -16.34 -5.13 -28.30
N SER D 179 -15.59 -4.16 -27.81
CA SER D 179 -15.81 -2.77 -28.22
C SER D 179 -14.50 -2.05 -28.44
N SER D 180 -14.51 -1.10 -29.37
CA SER D 180 -13.34 -0.27 -29.63
C SER D 180 -13.75 1.20 -29.64
N TYR D 181 -12.95 2.02 -28.97
CA TYR D 181 -13.23 3.43 -28.86
C TYR D 181 -12.13 4.24 -29.53
N LEU D 182 -12.52 5.17 -30.41
CA LEU D 182 -11.54 6.05 -31.04
C LEU D 182 -11.69 7.47 -30.50
N SER D 183 -10.71 7.90 -29.72
CA SER D 183 -10.75 9.22 -29.11
C SER D 183 -10.16 10.29 -30.03
N LEU D 184 -10.93 11.34 -30.28
CA LEU D 184 -10.50 12.41 -31.16
C LEU D 184 -10.75 13.76 -30.52
N THR D 185 -10.02 14.75 -30.98
CA THR D 185 -10.40 16.13 -30.73
C THR D 185 -11.58 16.35 -31.66
N PRO D 186 -12.46 17.30 -31.30
CA PRO D 186 -13.54 17.66 -32.23
C PRO D 186 -12.99 18.22 -33.54
N GLU D 187 -11.80 18.81 -33.50
CA GLU D 187 -11.17 19.29 -34.73
C GLU D 187 -10.90 18.13 -35.68
N GLN D 188 -10.32 17.06 -35.14
CA GLN D 188 -10.03 15.86 -35.92
C GLN D 188 -11.30 15.25 -36.49
N TRP D 189 -12.34 15.21 -35.66
CA TRP D 189 -13.64 14.72 -36.09
C TRP D 189 -14.13 15.51 -37.29
N LYS D 190 -14.25 16.82 -37.13
CA LYS D 190 -14.82 17.67 -38.17
C LYS D 190 -13.97 17.77 -39.46
N SER D 191 -12.66 17.58 -39.34
CA SER D 191 -11.76 17.85 -40.47
C SER D 191 -11.66 16.75 -41.52
N HIS D 192 -12.09 15.53 -41.18
CA HIS D 192 -12.08 14.45 -42.14
C HIS D 192 -13.46 14.24 -42.74
N ARG D 193 -13.50 13.59 -43.90
CA ARG D 193 -14.78 13.28 -44.53
C ARG D 193 -15.47 12.13 -43.81
N SER D 194 -14.69 11.19 -43.30
CA SER D 194 -15.25 10.04 -42.58
C SER D 194 -14.22 9.30 -41.74
N TYR D 195 -14.71 8.53 -40.77
CA TYR D 195 -13.90 7.58 -40.04
C TYR D 195 -14.51 6.20 -40.19
N SER D 196 -13.68 5.18 -40.28
CA SER D 196 -14.19 3.82 -40.45
C SER D 196 -13.74 2.91 -39.32
N CYS D 197 -14.64 2.04 -38.87
CA CYS D 197 -14.27 0.96 -37.97
C CYS D 197 -14.37 -0.34 -38.75
N GLN D 198 -13.22 -0.99 -38.93
CA GLN D 198 -13.14 -2.20 -39.72
C GLN D 198 -12.86 -3.39 -38.81
N VAL D 199 -13.80 -4.33 -38.78
CA VAL D 199 -13.68 -5.49 -37.90
C VAL D 199 -13.40 -6.76 -38.71
N THR D 200 -12.22 -7.32 -38.48
CA THR D 200 -11.83 -8.58 -39.09
C THR D 200 -12.11 -9.73 -38.12
N HIS D 201 -12.95 -10.67 -38.54
CA HIS D 201 -13.22 -11.84 -37.72
C HIS D 201 -12.81 -13.14 -38.43
N GLU D 202 -11.63 -13.63 -38.09
CA GLU D 202 -10.92 -14.67 -38.86
C GLU D 202 -11.24 -14.77 -40.35
N GLY D 203 -10.61 -13.91 -41.16
CA GLY D 203 -10.76 -13.98 -42.60
C GLY D 203 -11.81 -13.07 -43.22
N SER D 204 -12.90 -12.81 -42.51
CA SER D 204 -13.98 -11.98 -43.04
C SER D 204 -14.03 -10.63 -42.37
N THR D 205 -14.18 -9.56 -43.15
CA THR D 205 -14.24 -8.23 -42.57
C THR D 205 -15.57 -7.51 -42.77
N VAL D 206 -15.98 -6.77 -41.74
CA VAL D 206 -17.14 -5.91 -41.82
C VAL D 206 -16.68 -4.52 -41.47
N GLU D 207 -17.05 -3.54 -42.28
CA GLU D 207 -16.64 -2.16 -42.02
C GLU D 207 -17.82 -1.21 -42.00
N LYS D 208 -17.90 -0.43 -40.93
CA LYS D 208 -18.90 0.62 -40.82
C LYS D 208 -18.19 1.97 -40.86
N THR D 209 -18.87 2.97 -41.40
CA THR D 209 -18.27 4.29 -41.57
C THR D 209 -19.26 5.38 -41.19
N VAL D 210 -18.78 6.38 -40.45
CA VAL D 210 -19.61 7.54 -40.12
C VAL D 210 -18.92 8.84 -40.50
N ALA D 211 -19.70 9.92 -40.54
CA ALA D 211 -19.19 11.21 -40.99
C ALA D 211 -19.86 12.34 -40.22
N PRO D 212 -19.13 13.45 -40.02
CA PRO D 212 -19.68 14.65 -39.37
C PRO D 212 -21.00 15.11 -39.99
#